data_6JPD
#
_entry.id   6JPD
#
_entity_poly.entity_id   1
_entity_poly.type   'polypeptide(L)'
_entity_poly.pdbx_seq_one_letter_code
;HHHHHHGPHPQRNQGDGRHGTPWYPWTPPNPMTGPPALVFNNCSEVQIGNYNSLVAPPRTTASSSAKYDQAQFGRGRGWQ
PFHK
;
_entity_poly.pdbx_strand_id   A,B,C,D,E
#
# COMPACT_ATOMS: atom_id res chain seq x y z
N VAL A 39 15.52 6.57 -0.72
CA VAL A 39 15.34 5.55 0.35
C VAL A 39 15.67 6.18 1.70
N PHE A 40 14.63 6.64 2.39
CA PHE A 40 14.81 7.28 3.69
C PHE A 40 13.69 6.89 4.65
N ASN A 41 14.07 6.43 5.83
CA ASN A 41 13.10 6.05 6.85
C ASN A 41 13.34 6.83 8.14
N ASN A 42 12.28 7.44 8.66
CA ASN A 42 12.40 8.25 9.87
C ASN A 42 11.81 7.51 11.06
N CYS A 43 10.54 7.15 10.96
CA CYS A 43 9.84 6.47 12.05
C CYS A 43 10.02 4.95 11.94
N SER A 44 9.39 4.22 12.85
CA SER A 44 9.51 2.77 12.87
C SER A 44 8.49 2.12 11.95
N GLU A 45 8.58 0.81 11.80
CA GLU A 45 7.64 0.07 10.98
C GLU A 45 7.66 0.58 9.54
N VAL A 46 8.86 0.74 9.00
CA VAL A 46 9.01 1.21 7.63
C VAL A 46 9.93 0.27 6.83
N GLN A 47 9.55 -0.02 5.60
CA GLN A 47 10.31 -0.94 4.77
C GLN A 47 10.45 -0.40 3.35
N ILE A 48 11.68 -0.34 2.86
CA ILE A 48 11.93 0.09 1.50
C ILE A 48 12.75 -0.96 0.74
N GLY A 49 12.22 -1.38 -0.42
CA GLY A 49 12.92 -2.36 -1.23
C GLY A 49 12.06 -2.79 -2.42
N ASN A 50 12.65 -2.79 -3.60
CA ASN A 50 11.93 -3.17 -4.81
C ASN A 50 11.81 -4.69 -4.90
N TYR A 51 10.68 -5.16 -5.42
CA TYR A 51 10.43 -6.59 -5.54
C TYR A 51 10.43 -7.25 -4.17
N ASN A 52 10.05 -6.47 -3.15
CA ASN A 52 9.98 -7.00 -1.79
C ASN A 52 8.60 -7.60 -1.53
N SER A 53 8.44 -8.87 -1.89
CA SER A 53 7.18 -9.56 -1.67
C SER A 53 6.96 -9.82 -0.18
N LEU A 54 5.69 -9.91 0.21
CA LEU A 54 5.35 -10.14 1.62
C LEU A 54 4.12 -11.02 1.73
N VAL A 55 4.24 -12.14 2.46
CA VAL A 55 3.12 -13.04 2.64
C VAL A 55 2.68 -13.07 4.09
N ALA A 56 1.40 -12.78 4.32
CA ALA A 56 0.87 -12.77 5.68
C ALA A 56 0.66 -14.20 6.18
N PRO A 57 0.54 -14.36 7.47
CA PRO A 57 0.40 -15.70 8.10
C PRO A 57 -1.00 -16.27 7.94
N PRO A 58 -1.14 -17.32 7.16
CA PRO A 58 -2.45 -17.99 6.94
C PRO A 58 -2.93 -18.75 8.18
N ARG A 59 -4.24 -18.79 8.37
CA ARG A 59 -4.82 -19.49 9.52
C ARG A 59 -5.55 -20.75 9.06
N VAL B 39 11.50 8.51 -2.86
CA VAL B 39 11.32 7.49 -1.79
C VAL B 39 11.64 8.12 -0.44
N PHE B 40 10.60 8.58 0.25
CA PHE B 40 10.78 9.23 1.54
C PHE B 40 9.67 8.83 2.51
N ASN B 41 10.05 8.36 3.70
CA ASN B 41 9.07 7.99 4.71
C ASN B 41 9.31 8.76 6.00
N ASN B 42 8.25 9.39 6.52
CA ASN B 42 8.37 10.19 7.73
C ASN B 42 7.77 9.45 8.93
N CYS B 43 6.50 9.09 8.82
CA CYS B 43 5.82 8.41 9.91
C CYS B 43 5.99 6.90 9.79
N SER B 44 5.36 6.17 10.71
CA SER B 44 5.49 4.72 10.73
C SER B 44 4.46 4.07 9.81
N GLU B 45 4.55 2.74 9.66
CA GLU B 45 3.60 2.01 8.83
C GLU B 45 3.64 2.52 7.40
N VAL B 46 4.84 2.67 6.86
CA VAL B 46 4.99 3.15 5.48
C VAL B 46 5.91 2.22 4.70
N GLN B 47 5.52 1.93 3.45
CA GLN B 47 6.28 1.00 2.63
C GLN B 47 6.42 1.54 1.21
N ILE B 48 7.65 1.60 0.72
CA ILE B 48 7.91 2.03 -0.65
C ILE B 48 8.71 0.98 -1.40
N GLY B 49 8.20 0.56 -2.55
CA GLY B 49 8.90 -0.43 -3.37
C GLY B 49 8.04 -0.86 -4.56
N ASN B 50 8.63 -0.85 -5.75
CA ASN B 50 7.90 -1.23 -6.95
C ASN B 50 7.78 -2.75 -7.05
N TYR B 51 6.65 -3.21 -7.57
CA TYR B 51 6.41 -4.65 -7.68
C TYR B 51 6.39 -5.30 -6.30
N ASN B 52 6.03 -4.53 -5.29
CA ASN B 52 5.95 -5.06 -3.92
C ASN B 52 4.58 -5.66 -3.66
N SER B 53 4.42 -6.94 -4.03
CA SER B 53 3.15 -7.63 -3.81
C SER B 53 2.93 -7.88 -2.33
N LEU B 54 1.66 -7.97 -1.93
CA LEU B 54 1.33 -8.20 -0.52
C LEU B 54 0.08 -9.08 -0.41
N VAL B 55 0.22 -10.18 0.32
CA VAL B 55 -0.90 -11.10 0.49
C VAL B 55 -1.35 -11.12 1.95
N ALA B 56 -2.62 -10.84 2.18
CA ALA B 56 -3.16 -10.84 3.54
C ALA B 56 -3.37 -12.26 4.04
N PRO B 57 -3.49 -12.42 5.33
CA PRO B 57 -3.63 -13.77 5.96
C PRO B 57 -5.04 -14.34 5.80
N PRO B 58 -5.17 -15.38 5.03
CA PRO B 58 -6.48 -16.06 4.80
C PRO B 58 -6.95 -16.81 6.04
N ARG B 59 -8.27 -16.86 6.23
CA ARG B 59 -8.84 -17.54 7.38
C ARG B 59 -9.58 -18.81 6.93
N VAL C 39 7.47 10.45 -5.01
CA VAL C 39 7.30 9.43 -3.93
C VAL C 39 7.61 10.06 -2.59
N PHE C 40 6.58 10.52 -1.89
CA PHE C 40 6.76 11.16 -0.59
C PHE C 40 5.64 10.77 0.36
N ASN C 41 6.02 10.30 1.56
CA ASN C 41 5.05 9.93 2.57
C ASN C 41 5.29 10.71 3.86
N ASN C 42 4.23 11.33 4.38
CA ASN C 42 4.35 12.13 5.59
C ASN C 42 3.75 11.39 6.78
N CYS C 43 2.48 11.03 6.67
CA CYS C 43 1.80 10.35 7.77
C CYS C 43 1.97 8.83 7.66
N SER C 44 1.33 8.10 8.57
CA SER C 44 1.47 6.65 8.59
C SER C 44 0.44 6.00 7.67
N GLU C 45 0.53 4.68 7.53
CA GLU C 45 -0.42 3.95 6.70
C GLU C 45 -0.38 4.46 5.26
N VAL C 46 0.82 4.61 4.72
CA VAL C 46 0.97 5.08 3.34
C VAL C 46 1.88 4.15 2.56
N GLN C 47 1.50 3.86 1.31
CA GLN C 47 2.26 2.94 0.49
C GLN C 47 2.40 3.49 -0.93
N ILE C 48 3.63 3.54 -1.42
CA ILE C 48 3.88 3.97 -2.79
C ILE C 48 4.69 2.92 -3.54
N GLY C 49 4.18 2.50 -4.69
CA GLY C 49 4.87 1.52 -5.52
C GLY C 49 4.01 1.09 -6.70
N ASN C 50 4.60 1.09 -7.89
CA ASN C 50 3.88 0.71 -9.09
C ASN C 50 3.75 -0.81 -9.18
N TYR C 51 2.62 -1.28 -9.71
CA TYR C 51 2.38 -2.70 -9.82
C TYR C 51 2.37 -3.37 -8.44
N ASN C 52 2.01 -2.59 -7.43
CA ASN C 52 1.92 -3.12 -6.07
C ASN C 52 0.56 -3.72 -5.80
N SER C 53 0.39 -4.99 -6.17
CA SER C 53 -0.88 -5.68 -5.95
C SER C 53 -1.10 -5.94 -4.46
N LEU C 54 -2.36 -6.03 -4.07
CA LEU C 54 -2.70 -6.26 -2.67
C LEU C 54 -3.94 -7.14 -2.55
N VAL C 55 -3.81 -8.25 -1.82
CA VAL C 55 -4.93 -9.16 -1.65
C VAL C 55 -5.37 -9.18 -0.19
N ALA C 56 -6.65 -8.90 0.05
CA ALA C 56 -7.18 -8.89 1.40
C ALA C 56 -7.39 -10.32 1.89
N PRO C 57 -7.52 -10.49 3.18
CA PRO C 57 -7.65 -11.83 3.82
C PRO C 57 -9.06 -12.40 3.66
N PRO C 58 -9.19 -13.44 2.89
CA PRO C 58 -10.50 -14.11 2.66
C PRO C 58 -10.98 -14.88 3.90
N ARG C 59 -12.30 -14.91 4.09
CA ARG C 59 -12.87 -15.61 5.24
C ARG C 59 -13.60 -16.86 4.78
N VAL D 39 3.44 12.39 -7.14
CA VAL D 39 3.27 11.37 -6.06
C VAL D 39 3.59 12.00 -4.72
N PHE D 40 2.55 12.46 -4.02
CA PHE D 40 2.74 13.11 -2.73
C PHE D 40 1.62 12.71 -1.77
N ASN D 41 2.00 12.24 -0.59
CA ASN D 41 1.01 11.87 0.43
C ASN D 41 1.26 12.65 1.72
N ASN D 42 0.21 13.27 2.23
CA ASN D 42 0.32 14.07 3.45
C ASN D 42 -0.27 13.33 4.64
N CYS D 43 -1.54 12.96 4.53
CA CYS D 43 -2.23 12.29 5.63
C CYS D 43 -2.06 10.78 5.51
N SER D 44 -2.69 10.04 6.43
CA SER D 44 -2.56 8.59 6.45
C SER D 44 -3.58 7.94 5.53
N GLU D 45 -3.49 6.62 5.39
CA GLU D 45 -4.44 5.89 4.56
C GLU D 45 -4.41 6.41 3.12
N VAL D 46 -3.22 6.55 2.57
CA VAL D 46 -3.06 7.03 1.20
C VAL D 46 -2.14 6.09 0.41
N GLN D 47 -2.53 5.81 -0.83
CA GLN D 47 -1.77 4.88 -1.65
C GLN D 47 -1.63 5.42 -3.07
N ILE D 48 -0.40 5.48 -3.55
CA ILE D 48 -0.15 5.91 -4.94
C ILE D 48 0.67 4.86 -5.68
N GLY D 49 0.15 4.44 -6.84
CA GLY D 49 0.85 3.45 -7.66
C GLY D 49 -0.02 3.03 -8.84
N ASN D 50 0.58 3.04 -10.03
CA ASN D 50 -0.15 2.64 -11.23
C ASN D 50 -0.27 1.13 -11.32
N TYR D 51 -1.40 0.67 -11.84
CA TYR D 51 -1.64 -0.77 -11.96
C TYR D 51 -1.65 -1.43 -10.58
N ASN D 52 -2.03 -0.66 -9.57
CA ASN D 52 -2.10 -1.18 -8.21
C ASN D 52 -3.48 -1.79 -7.95
N SER D 53 -3.63 -3.06 -8.31
CA SER D 53 -4.90 -3.74 -8.09
C SER D 53 -5.13 -4.00 -6.61
N LEU D 54 -6.39 -4.09 -6.21
CA LEU D 54 -6.72 -4.32 -4.81
C LEU D 54 -7.96 -5.21 -4.69
N VAL D 55 -7.84 -6.31 -3.97
CA VAL D 55 -8.95 -7.22 -3.79
C VAL D 55 -9.39 -7.24 -2.33
N ALA D 56 -10.68 -6.96 -2.10
CA ALA D 56 -11.21 -6.95 -0.74
C ALA D 56 -11.43 -8.38 -0.24
N PRO D 57 -11.54 -8.55 1.04
CA PRO D 57 -11.68 -9.89 1.68
C PRO D 57 -13.09 -10.46 1.51
N PRO D 58 -13.22 -11.50 0.75
CA PRO D 58 -14.53 -12.17 0.52
C PRO D 58 -15.01 -12.93 1.75
N ARG D 59 -16.32 -12.97 1.95
CA ARG D 59 -16.89 -13.66 3.09
C ARG D 59 -17.63 -14.93 2.64
N VAL E 39 -0.58 14.33 -9.29
CA VAL E 39 -0.76 13.31 -8.21
C VAL E 39 -0.43 13.94 -6.86
N PHE E 40 -1.48 14.40 -6.16
CA PHE E 40 -1.30 15.04 -4.87
C PHE E 40 -2.41 14.65 -3.91
N ASN E 41 -2.02 14.19 -2.73
CA ASN E 41 -3.01 13.81 -1.72
C ASN E 41 -2.77 14.59 -0.42
N ASN E 42 -3.82 15.20 0.09
CA ASN E 42 -3.70 16.01 1.30
C ASN E 42 -4.30 15.27 2.50
N CYS E 43 -5.57 14.91 2.39
CA CYS E 43 -6.25 14.23 3.48
C CYS E 43 -6.09 12.72 3.38
N SER E 44 -6.72 11.99 4.29
CA SER E 44 -6.58 10.53 4.31
C SER E 44 -7.61 9.88 3.38
N GLU E 45 -7.52 8.56 3.24
CA GLU E 45 -8.47 7.83 2.41
C GLU E 45 -8.44 8.34 0.98
N VAL E 46 -7.24 8.50 0.44
CA VAL E 46 -7.09 8.96 -0.94
C VAL E 46 -6.17 8.03 -1.72
N GLN E 47 -6.56 7.74 -2.96
CA GLN E 47 -5.79 6.82 -3.79
C GLN E 47 -5.65 7.36 -5.21
N ILE E 48 -4.42 7.42 -5.70
CA ILE E 48 -4.17 7.85 -7.07
C ILE E 48 -3.36 6.80 -7.83
N GLY E 49 -3.87 6.37 -8.98
CA GLY E 49 -3.17 5.40 -9.79
C GLY E 49 -4.04 4.96 -10.97
N ASN E 50 -3.45 4.97 -12.17
CA ASN E 50 -4.18 4.59 -13.37
C ASN E 50 -4.30 3.07 -13.47
N TYR E 51 -5.43 2.61 -13.99
CA TYR E 51 -5.67 1.18 -14.11
C TYR E 51 -5.68 0.52 -12.73
N ASN E 52 -6.05 1.28 -11.71
CA ASN E 52 -6.12 0.76 -10.35
C ASN E 52 -7.50 0.15 -10.09
N SER E 53 -7.66 -1.11 -10.45
CA SER E 53 -8.93 -1.81 -10.23
C SER E 53 -9.15 -2.06 -8.75
N LEU E 54 -10.42 -2.16 -8.35
CA LEU E 54 -10.75 -2.38 -6.94
C LEU E 54 -11.99 -3.26 -6.83
N VAL E 55 -11.86 -4.37 -6.11
CA VAL E 55 -12.98 -5.28 -5.92
C VAL E 55 -13.43 -5.31 -4.47
N ALA E 56 -14.70 -5.02 -4.24
CA ALA E 56 -15.24 -5.01 -2.89
C ALA E 56 -15.45 -6.44 -2.39
N PRO E 57 -15.57 -6.61 -1.09
CA PRO E 57 -15.70 -7.95 -0.46
C PRO E 57 -17.11 -8.51 -0.62
N PRO E 58 -17.25 -9.56 -1.40
CA PRO E 58 -18.55 -10.23 -1.62
C PRO E 58 -19.03 -10.99 -0.38
N ARG E 59 -20.34 -11.03 -0.19
CA ARG E 59 -20.92 -11.73 0.96
C ARG E 59 -21.65 -12.99 0.50
N VAL A 39 15.80 7.15 0.01
CA VAL A 39 15.47 6.09 1.02
C VAL A 39 15.66 6.66 2.42
N PHE A 40 14.65 7.35 2.92
CA PHE A 40 14.72 7.96 4.24
C PHE A 40 13.65 7.40 5.15
N ASN A 41 14.07 6.86 6.30
CA ASN A 41 13.12 6.30 7.26
C ASN A 41 13.25 7.01 8.61
N ASN A 42 12.13 7.53 9.10
CA ASN A 42 12.13 8.26 10.36
C ASN A 42 11.56 7.38 11.49
N CYS A 43 10.31 6.95 11.31
CA CYS A 43 9.65 6.15 12.34
C CYS A 43 9.89 4.66 12.11
N SER A 44 9.35 3.83 13.00
CA SER A 44 9.57 2.40 12.91
C SER A 44 8.63 1.77 11.88
N GLU A 45 8.83 0.48 11.62
CA GLU A 45 7.98 -0.23 10.67
C GLU A 45 8.08 0.39 9.28
N VAL A 46 9.31 0.70 8.86
CA VAL A 46 9.53 1.28 7.55
C VAL A 46 10.60 0.50 6.80
N GLN A 47 10.31 0.19 5.53
CA GLN A 47 11.24 -0.58 4.71
C GLN A 47 11.17 -0.13 3.26
N ILE A 48 12.32 -0.02 2.61
CA ILE A 48 12.37 0.36 1.20
C ILE A 48 13.09 -0.70 0.38
N GLY A 49 12.39 -1.27 -0.60
CA GLY A 49 12.98 -2.28 -1.45
C GLY A 49 12.02 -2.68 -2.58
N ASN A 50 12.52 -2.69 -3.80
CA ASN A 50 11.71 -3.07 -4.94
C ASN A 50 11.57 -4.58 -5.03
N TYR A 51 10.42 -5.05 -5.53
CA TYR A 51 10.16 -6.47 -5.62
C TYR A 51 10.16 -7.11 -4.23
N ASN A 52 9.87 -6.29 -3.21
CA ASN A 52 9.82 -6.80 -1.85
C ASN A 52 8.45 -7.40 -1.55
N SER A 53 8.30 -8.69 -1.87
CA SER A 53 7.03 -9.37 -1.63
C SER A 53 6.82 -9.59 -0.13
N LEU A 54 5.56 -9.67 0.26
CA LEU A 54 5.22 -9.86 1.67
C LEU A 54 3.99 -10.74 1.83
N VAL A 55 4.12 -11.82 2.59
CA VAL A 55 3.01 -12.73 2.80
C VAL A 55 2.56 -12.70 4.25
N ALA A 56 1.29 -12.41 4.48
CA ALA A 56 0.76 -12.37 5.84
C ALA A 56 0.55 -13.78 6.39
N PRO A 57 0.44 -13.90 7.68
CA PRO A 57 0.32 -15.22 8.36
C PRO A 57 -1.09 -15.79 8.23
N PRO A 58 -1.23 -16.87 7.50
CA PRO A 58 -2.54 -17.55 7.32
C PRO A 58 -2.98 -18.30 8.57
N ARG A 59 -4.29 -18.36 8.79
CA ARG A 59 -4.83 -19.04 9.95
C ARG A 59 -5.08 -20.51 9.65
N VAL B 39 11.77 8.98 -2.20
CA VAL B 39 11.43 7.93 -1.19
C VAL B 39 11.62 8.50 0.21
N PHE B 40 10.61 9.19 0.71
CA PHE B 40 10.69 9.80 2.03
C PHE B 40 9.61 9.23 2.95
N ASN B 41 10.02 8.70 4.09
CA ASN B 41 9.08 8.14 5.06
C ASN B 41 9.21 8.84 6.40
N ASN B 42 8.08 9.37 6.90
CA ASN B 42 8.09 10.09 8.16
C ASN B 42 7.51 9.22 9.28
N CYS B 43 6.28 8.78 9.11
CA CYS B 43 5.61 7.99 10.14
C CYS B 43 5.86 6.50 9.91
N SER B 44 5.31 5.67 10.79
CA SER B 44 5.53 4.23 10.71
C SER B 44 4.60 3.60 9.67
N GLU B 45 4.78 2.32 9.41
CA GLU B 45 3.93 1.60 8.46
C GLU B 45 4.04 2.23 7.07
N VAL B 46 5.27 2.54 6.66
CA VAL B 46 5.50 3.12 5.35
C VAL B 46 6.56 2.33 4.59
N GLN B 47 6.27 2.02 3.33
CA GLN B 47 7.21 1.26 2.51
C GLN B 47 7.13 1.71 1.05
N ILE B 48 8.28 1.82 0.40
CA ILE B 48 8.33 2.20 -1.00
C ILE B 48 9.05 1.14 -1.82
N GLY B 49 8.35 0.57 -2.80
CA GLY B 49 8.94 -0.44 -3.66
C GLY B 49 7.98 -0.84 -4.78
N ASN B 50 8.49 -0.85 -6.00
CA ASN B 50 7.67 -1.23 -7.15
C ASN B 50 7.53 -2.74 -7.24
N TYR B 51 6.38 -3.21 -7.73
CA TYR B 51 6.12 -4.63 -7.83
C TYR B 51 6.11 -5.27 -6.44
N ASN B 52 5.83 -4.45 -5.42
CA ASN B 52 5.77 -4.96 -4.05
C ASN B 52 4.42 -5.57 -3.76
N SER B 53 4.25 -6.85 -4.07
CA SER B 53 3.00 -7.54 -3.83
C SER B 53 2.77 -7.75 -2.34
N LEU B 54 1.51 -7.83 -1.94
CA LEU B 54 1.18 -8.02 -0.53
C LEU B 54 -0.06 -8.90 -0.38
N VAL B 55 0.08 -9.98 0.38
CA VAL B 55 -1.03 -10.89 0.59
C VAL B 55 -1.47 -10.87 2.05
N ALA B 56 -2.75 -10.57 2.27
CA ALA B 56 -3.28 -10.53 3.63
C ALA B 56 -3.49 -11.94 4.18
N PRO B 57 -3.60 -12.06 5.47
CA PRO B 57 -3.73 -13.38 6.15
C PRO B 57 -5.13 -13.95 6.03
N PRO B 58 -5.27 -15.03 5.30
CA PRO B 58 -6.58 -15.71 5.11
C PRO B 58 -7.02 -16.46 6.36
N ARG B 59 -8.33 -16.52 6.58
CA ARG B 59 -8.87 -17.21 7.75
C ARG B 59 -9.12 -18.67 7.44
N VAL C 39 7.73 10.82 -4.40
CA VAL C 39 7.39 9.77 -3.39
C VAL C 39 7.59 10.34 -1.99
N PHE C 40 6.56 11.03 -1.50
CA PHE C 40 6.64 11.64 -0.17
C PHE C 40 5.57 11.07 0.74
N ASN C 41 5.99 10.54 1.89
CA ASN C 41 5.05 9.97 2.85
C ASN C 41 5.16 10.68 4.20
N ASN C 42 4.05 11.20 4.70
CA ASN C 42 4.05 11.93 5.95
C ASN C 42 3.48 11.06 7.08
N CYS C 43 2.24 10.62 6.90
CA CYS C 43 1.57 9.83 7.93
C CYS C 43 1.81 8.34 7.70
N SER C 44 1.27 7.51 8.59
CA SER C 44 1.49 6.07 8.50
C SER C 44 0.55 5.44 7.47
N GLU C 45 0.75 4.16 7.21
CA GLU C 45 -0.11 3.44 6.25
C GLU C 45 0.00 4.07 4.87
N VAL C 46 1.23 4.37 4.46
CA VAL C 46 1.45 4.96 3.14
C VAL C 46 2.52 4.17 2.38
N GLN C 47 2.23 3.86 1.12
CA GLN C 47 3.16 3.10 0.30
C GLN C 47 3.09 3.55 -1.16
N ILE C 48 4.24 3.66 -1.80
CA ILE C 48 4.29 4.04 -3.21
C ILE C 48 5.01 2.97 -4.03
N GLY C 49 4.31 2.41 -5.01
CA GLY C 49 4.90 1.39 -5.86
C GLY C 49 3.94 1.00 -6.99
N ASN C 50 4.44 0.99 -8.21
CA ASN C 50 3.62 0.61 -9.36
C ASN C 50 3.48 -0.90 -9.44
N TYR C 51 2.34 -1.37 -9.94
CA TYR C 51 2.08 -2.79 -10.03
C TYR C 51 2.07 -3.43 -8.65
N ASN C 52 1.80 -2.62 -7.62
CA ASN C 52 1.74 -3.12 -6.26
C ASN C 52 0.37 -3.73 -5.96
N SER C 53 0.21 -5.01 -6.28
CA SER C 53 -1.05 -5.70 -6.04
C SER C 53 -1.26 -5.91 -4.54
N LEU C 54 -2.52 -5.99 -4.15
CA LEU C 54 -2.86 -6.18 -2.74
C LEU C 54 -4.09 -7.06 -2.58
N VAL C 55 -3.96 -8.14 -1.82
CA VAL C 55 -5.07 -9.05 -1.61
C VAL C 55 -5.51 -9.03 -0.16
N ALA C 56 -6.79 -8.73 0.07
CA ALA C 56 -7.33 -8.69 1.42
C ALA C 56 -7.53 -10.10 1.97
N PRO C 57 -7.64 -10.22 3.27
CA PRO C 57 -7.76 -11.54 3.95
C PRO C 57 -9.17 -12.12 3.83
N PRO C 58 -9.31 -13.19 3.09
CA PRO C 58 -10.62 -13.88 2.91
C PRO C 58 -11.05 -14.62 4.16
N ARG C 59 -12.37 -14.68 4.38
CA ARG C 59 -12.91 -15.37 5.55
C ARG C 59 -13.16 -16.83 5.24
N VAL D 39 3.68 12.66 -6.61
CA VAL D 39 3.35 11.61 -5.60
C VAL D 39 3.54 12.18 -4.20
N PHE D 40 2.53 12.87 -3.70
CA PHE D 40 2.60 13.48 -2.38
C PHE D 40 1.53 12.91 -1.46
N ASN D 41 1.95 12.38 -0.32
CA ASN D 41 1.00 11.81 0.65
C ASN D 41 1.13 12.52 2.00
N ASN D 42 0.00 13.04 2.49
CA ASN D 42 0.01 13.77 3.75
C ASN D 42 -0.56 12.90 4.87
N CYS D 43 -1.81 12.46 4.70
CA CYS D 43 -2.48 11.67 5.73
C CYS D 43 -2.23 10.18 5.49
N SER D 44 -2.77 9.35 6.38
CA SER D 44 -2.55 7.91 6.30
C SER D 44 -3.49 7.28 5.26
N GLU D 45 -3.30 6.00 5.00
CA GLU D 45 -4.15 5.28 4.05
C GLU D 45 -4.04 5.91 2.67
N VAL D 46 -2.81 6.21 2.25
CA VAL D 46 -2.58 6.79 0.94
C VAL D 46 -1.52 6.01 0.18
N GLN D 47 -1.81 5.70 -1.08
CA GLN D 47 -0.88 4.94 -1.91
C GLN D 47 -0.96 5.39 -3.36
N ILE D 48 0.20 5.50 -4.01
CA ILE D 48 0.25 5.87 -5.41
C ILE D 48 0.97 4.81 -6.23
N GLY D 49 0.27 4.25 -7.21
CA GLY D 49 0.86 3.23 -8.07
C GLY D 49 -0.10 2.84 -9.19
N ASN D 50 0.40 2.83 -10.42
CA ASN D 50 -0.41 2.45 -11.56
C ASN D 50 -0.55 0.93 -11.65
N TYR D 51 -1.70 0.47 -12.14
CA TYR D 51 -1.96 -0.95 -12.23
C TYR D 51 -1.96 -1.60 -10.85
N ASN D 52 -2.25 -0.78 -9.83
CA ASN D 52 -2.30 -1.28 -8.46
C ASN D 52 -3.67 -1.89 -8.17
N SER D 53 -3.83 -3.17 -8.48
CA SER D 53 -5.09 -3.86 -8.25
C SER D 53 -5.31 -4.07 -6.75
N LEU D 54 -6.56 -4.15 -6.35
CA LEU D 54 -6.90 -4.34 -4.94
C LEU D 54 -8.14 -5.22 -4.79
N VAL D 55 -8.00 -6.30 -4.03
CA VAL D 55 -9.11 -7.21 -3.81
C VAL D 55 -9.56 -7.19 -2.37
N ALA D 56 -10.83 -6.90 -2.13
CA ALA D 56 -11.36 -6.86 -0.78
C ALA D 56 -11.57 -8.26 -0.23
N PRO D 57 -11.68 -8.38 1.07
CA PRO D 57 -11.80 -9.70 1.74
C PRO D 57 -13.21 -10.28 1.62
N PRO D 58 -13.35 -11.35 0.89
CA PRO D 58 -14.66 -12.04 0.70
C PRO D 58 -15.10 -12.78 1.95
N ARG D 59 -16.41 -12.84 2.17
CA ARG D 59 -16.95 -13.53 3.34
C ARG D 59 -17.21 -14.99 3.03
N VAL E 39 -0.35 14.50 -8.81
CA VAL E 39 -0.69 13.45 -7.80
C VAL E 39 -0.50 14.02 -6.40
N PHE E 40 -1.52 14.71 -5.90
CA PHE E 40 -1.43 15.31 -4.58
C PHE E 40 -2.52 14.75 -3.67
N ASN E 41 -2.10 14.22 -2.52
CA ASN E 41 -3.04 13.65 -1.56
C ASN E 41 -2.92 14.36 -0.21
N ASN E 42 -4.03 14.88 0.29
CA ASN E 42 -4.03 15.61 1.54
C ASN E 42 -4.61 14.74 2.67
N CYS E 43 -5.84 14.30 2.49
CA CYS E 43 -6.51 13.50 3.53
C CYS E 43 -6.26 12.01 3.29
N SER E 44 -6.81 11.19 4.18
CA SER E 44 -6.59 9.75 4.09
C SER E 44 -7.53 9.12 3.06
N GLU E 45 -7.34 7.84 2.79
CA GLU E 45 -8.19 7.12 1.84
C GLU E 45 -8.08 7.75 0.46
N VAL E 46 -6.85 8.05 0.05
CA VAL E 46 -6.63 8.63 -1.27
C VAL E 46 -5.56 7.85 -2.03
N GLN E 47 -5.85 7.54 -3.29
CA GLN E 47 -4.91 6.78 -4.11
C GLN E 47 -4.99 7.22 -5.57
N ILE E 48 -3.83 7.33 -6.21
CA ILE E 48 -3.79 7.71 -7.62
C ILE E 48 -3.07 6.65 -8.44
N GLY E 49 -3.77 6.08 -9.42
CA GLY E 49 -3.18 5.07 -10.27
C GLY E 49 -4.14 4.68 -11.40
N ASN E 50 -3.64 4.67 -12.62
CA ASN E 50 -4.45 4.29 -13.77
C ASN E 50 -4.60 2.77 -13.85
N TYR E 51 -5.75 2.31 -14.35
CA TYR E 51 -6.00 0.88 -14.44
C TYR E 51 -6.01 0.24 -13.06
N ASN E 52 -6.29 1.06 -12.04
CA ASN E 52 -6.34 0.55 -10.66
C ASN E 52 -7.71 -0.05 -10.37
N SER E 53 -7.87 -1.33 -10.69
CA SER E 53 -9.12 -2.02 -10.45
C SER E 53 -9.35 -2.23 -8.95
N LEU E 54 -10.61 -2.31 -8.56
CA LEU E 54 -10.94 -2.51 -7.15
C LEU E 54 -12.18 -3.38 -7.00
N VAL E 55 -12.04 -4.46 -6.23
CA VAL E 55 -13.15 -5.37 -6.02
C VAL E 55 -13.59 -5.35 -4.57
N ALA E 56 -14.87 -5.06 -4.34
CA ALA E 56 -15.41 -5.02 -2.99
C ALA E 56 -15.61 -6.42 -2.44
N PRO E 57 -15.72 -6.54 -1.14
CA PRO E 57 -15.85 -7.86 -0.46
C PRO E 57 -17.25 -8.44 -0.58
N PRO E 58 -17.39 -9.51 -1.32
CA PRO E 58 -18.71 -10.20 -1.51
C PRO E 58 -19.14 -10.94 -0.25
N ARG E 59 -20.45 -11.00 -0.04
CA ARG E 59 -20.99 -11.69 1.14
C ARG E 59 -21.24 -13.16 0.83
N VAL A 39 15.15 6.47 -0.64
CA VAL A 39 15.08 5.42 0.41
C VAL A 39 15.45 6.02 1.76
N PHE A 40 14.53 6.76 2.34
CA PHE A 40 14.78 7.42 3.62
C PHE A 40 13.66 7.12 4.61
N ASN A 41 14.04 6.82 5.84
CA ASN A 41 13.05 6.55 6.89
C ASN A 41 13.39 7.34 8.16
N ASN A 42 12.38 8.02 8.71
CA ASN A 42 12.59 8.83 9.91
C ASN A 42 12.05 8.10 11.13
N CYS A 43 10.77 7.71 11.08
CA CYS A 43 10.15 7.04 12.22
C CYS A 43 10.37 5.53 12.13
N SER A 44 9.70 4.79 13.00
CA SER A 44 9.87 3.35 13.05
C SER A 44 8.86 2.65 12.15
N GLU A 45 8.92 1.32 12.10
CA GLU A 45 7.99 0.55 11.30
C GLU A 45 8.05 0.97 9.83
N VAL A 46 9.22 0.85 9.24
CA VAL A 46 9.41 1.24 7.85
C VAL A 46 10.05 0.09 7.06
N GLN A 47 9.74 0.05 5.76
CA GLN A 47 10.29 -0.99 4.90
C GLN A 47 10.37 -0.50 3.45
N ILE A 48 11.58 -0.41 2.94
CA ILE A 48 11.80 0.00 1.55
C ILE A 48 12.61 -1.03 0.79
N GLY A 49 12.06 -1.50 -0.33
CA GLY A 49 12.76 -2.48 -1.15
C GLY A 49 11.89 -2.90 -2.33
N ASN A 50 12.48 -2.91 -3.53
CA ASN A 50 11.76 -3.28 -4.72
C ASN A 50 11.66 -4.80 -4.83
N TYR A 51 10.53 -5.27 -5.37
CA TYR A 51 10.30 -6.71 -5.50
C TYR A 51 10.27 -7.37 -4.12
N ASN A 52 9.91 -6.60 -3.10
CA ASN A 52 9.81 -7.13 -1.75
C ASN A 52 8.44 -7.75 -1.51
N SER A 53 8.28 -9.00 -1.90
CA SER A 53 7.02 -9.71 -1.71
C SER A 53 6.78 -9.98 -0.22
N LEU A 54 5.52 -10.10 0.16
CA LEU A 54 5.17 -10.35 1.56
C LEU A 54 3.93 -11.23 1.64
N VAL A 55 4.06 -12.35 2.36
CA VAL A 55 2.94 -13.28 2.52
C VAL A 55 2.49 -13.31 3.97
N ALA A 56 1.20 -13.05 4.19
CA ALA A 56 0.67 -13.06 5.54
C ALA A 56 0.45 -14.50 6.02
N PRO A 57 0.32 -14.68 7.30
CA PRO A 57 0.20 -16.04 7.92
C PRO A 57 -1.20 -16.62 7.73
N PRO A 58 -1.32 -17.64 6.95
CA PRO A 58 -2.62 -18.33 6.70
C PRO A 58 -3.08 -19.13 7.92
N ARG A 59 -4.41 -19.22 8.09
CA ARG A 59 -4.98 -19.95 9.21
C ARG A 59 -6.38 -20.45 8.88
N VAL B 39 11.14 8.41 -2.79
CA VAL B 39 11.07 7.35 -1.74
C VAL B 39 11.45 7.96 -0.39
N PHE B 40 10.52 8.70 0.20
CA PHE B 40 10.77 9.36 1.47
C PHE B 40 9.65 9.05 2.46
N ASN B 41 10.03 8.76 3.70
CA ASN B 41 9.04 8.49 4.75
C ASN B 41 9.39 9.28 6.01
N ASN B 42 8.38 9.96 6.55
CA ASN B 42 8.58 10.76 7.75
C ASN B 42 8.04 10.03 8.99
N CYS B 43 6.77 9.66 8.94
CA CYS B 43 6.14 8.98 10.06
C CYS B 43 6.36 7.47 9.97
N SER B 44 5.69 6.72 10.85
CA SER B 44 5.86 5.28 10.90
C SER B 44 4.85 4.58 10.00
N GLU B 45 4.92 3.26 9.95
CA GLU B 45 3.98 2.48 9.15
C GLU B 45 4.04 2.91 7.69
N VAL B 46 5.22 2.79 7.09
CA VAL B 46 5.41 3.17 5.70
C VAL B 46 6.03 2.03 4.90
N GLN B 47 5.73 1.98 3.61
CA GLN B 47 6.28 0.94 2.76
C GLN B 47 6.36 1.44 1.31
N ILE B 48 7.58 1.52 0.79
CA ILE B 48 7.78 1.94 -0.59
C ILE B 48 8.60 0.90 -1.35
N GLY B 49 8.06 0.44 -2.48
CA GLY B 49 8.75 -0.55 -3.29
C GLY B 49 7.88 -0.97 -4.48
N ASN B 50 8.48 -0.96 -5.67
CA ASN B 50 7.76 -1.34 -6.88
C ASN B 50 7.64 -2.87 -6.98
N TYR B 51 6.52 -3.34 -7.52
CA TYR B 51 6.30 -4.77 -7.65
C TYR B 51 6.27 -5.43 -6.28
N ASN B 52 5.90 -4.66 -5.25
CA ASN B 52 5.81 -5.19 -3.90
C ASN B 52 4.43 -5.81 -3.65
N SER B 53 4.28 -7.08 -4.05
CA SER B 53 3.01 -7.77 -3.85
C SER B 53 2.78 -8.05 -2.37
N LEU B 54 1.51 -8.16 -1.99
CA LEU B 54 1.16 -8.41 -0.60
C LEU B 54 -0.08 -9.30 -0.50
N VAL B 55 0.06 -10.41 0.21
CA VAL B 55 -1.06 -11.34 0.37
C VAL B 55 -1.52 -11.38 1.82
N ALA B 56 -2.80 -11.11 2.04
CA ALA B 56 -3.34 -11.13 3.40
C ALA B 56 -3.55 -12.56 3.87
N PRO B 57 -3.69 -12.74 5.16
CA PRO B 57 -3.81 -14.10 5.76
C PRO B 57 -5.21 -14.67 5.59
N PRO B 58 -5.33 -15.71 4.80
CA PRO B 58 -6.63 -16.40 4.55
C PRO B 58 -7.10 -17.19 5.77
N ARG B 59 -8.41 -17.28 5.93
CA ARG B 59 -8.98 -18.01 7.07
C ARG B 59 -10.38 -18.51 6.72
N VAL C 39 7.14 10.34 -4.94
CA VAL C 39 7.07 9.29 -3.89
C VAL C 39 7.44 9.90 -2.54
N PHE C 40 6.51 10.64 -1.95
CA PHE C 40 6.76 11.29 -0.67
C PHE C 40 5.64 11.00 0.32
N ASN C 41 6.02 10.69 1.55
CA ASN C 41 5.04 10.42 2.60
C ASN C 41 5.37 11.21 3.86
N ASN C 42 4.37 11.89 4.41
CA ASN C 42 4.57 12.70 5.61
C ASN C 42 4.04 11.97 6.84
N CYS C 43 2.76 11.59 6.79
CA CYS C 43 2.13 10.91 7.92
C CYS C 43 2.36 9.41 7.83
N SER C 44 1.69 8.66 8.70
CA SER C 44 1.86 7.21 8.75
C SER C 44 0.85 6.53 7.86
N GLU C 45 0.90 5.19 7.80
CA GLU C 45 -0.03 4.42 7.01
C GLU C 45 0.03 4.84 5.54
N VAL C 46 1.21 4.73 4.94
CA VAL C 46 1.39 5.11 3.56
C VAL C 46 2.03 3.98 2.76
N GLN C 47 1.73 3.93 1.47
CA GLN C 47 2.27 2.88 0.60
C GLN C 47 2.35 3.37 -0.84
N ILE C 48 3.57 3.45 -1.36
CA ILE C 48 3.78 3.88 -2.74
C ILE C 48 4.59 2.84 -3.50
N GLY C 49 4.05 2.37 -4.62
CA GLY C 49 4.74 1.39 -5.45
C GLY C 49 3.88 0.96 -6.63
N ASN C 50 4.47 0.97 -7.82
CA ASN C 50 3.75 0.59 -9.02
C ASN C 50 3.63 -0.92 -9.13
N TYR C 51 2.52 -1.40 -9.66
CA TYR C 51 2.29 -2.83 -9.79
C TYR C 51 2.26 -3.49 -8.42
N ASN C 52 1.90 -2.73 -7.41
CA ASN C 52 1.80 -3.25 -6.05
C ASN C 52 0.43 -3.87 -5.80
N SER C 53 0.27 -5.13 -6.20
CA SER C 53 -0.99 -5.83 -6.00
C SER C 53 -1.23 -6.11 -4.52
N LEU C 54 -2.49 -6.22 -4.13
CA LEU C 54 -2.84 -6.47 -2.74
C LEU C 54 -4.08 -7.36 -2.65
N VAL C 55 -3.95 -8.48 -1.94
CA VAL C 55 -5.07 -9.40 -1.78
C VAL C 55 -5.52 -9.44 -0.32
N ALA C 56 -6.81 -9.17 -0.10
CA ALA C 56 -7.35 -9.19 1.25
C ALA C 56 -7.56 -10.62 1.72
N PRO C 57 -7.69 -10.80 3.01
CA PRO C 57 -7.82 -12.16 3.62
C PRO C 57 -9.22 -12.74 3.44
N PRO C 58 -9.33 -13.78 2.65
CA PRO C 58 -10.63 -14.45 2.41
C PRO C 58 -11.10 -15.25 3.63
N ARG C 59 -12.42 -15.34 3.79
CA ARG C 59 -12.99 -16.07 4.92
C ARG C 59 -14.39 -16.58 4.58
N VAL D 39 3.13 12.28 -7.08
CA VAL D 39 3.06 11.23 -6.03
C VAL D 39 3.44 11.84 -4.69
N PHE D 40 2.51 12.58 -4.10
CA PHE D 40 2.76 13.23 -2.82
C PHE D 40 1.64 12.93 -1.84
N ASN D 41 2.01 12.63 -0.59
CA ASN D 41 1.03 12.36 0.44
C ASN D 41 1.37 13.15 1.72
N ASN D 42 0.36 13.83 2.26
CA ASN D 42 0.57 14.64 3.46
C ASN D 42 0.03 13.91 4.69
N CYS D 43 -1.24 13.53 4.64
CA CYS D 43 -1.87 12.85 5.77
C CYS D 43 -1.65 11.35 5.68
N SER D 44 -2.32 10.60 6.56
CA SER D 44 -2.15 9.16 6.61
C SER D 44 -3.16 8.46 5.71
N GLU D 45 -3.10 7.14 5.66
CA GLU D 45 -4.04 6.36 4.85
C GLU D 45 -3.97 6.79 3.39
N VAL D 46 -2.80 6.66 2.80
CA VAL D 46 -2.61 7.05 1.40
C VAL D 46 -1.98 5.91 0.61
N GLN D 47 -2.28 5.86 -0.68
CA GLN D 47 -1.73 4.82 -1.55
C GLN D 47 -1.65 5.31 -2.99
N ILE D 48 -0.43 5.39 -3.51
CA ILE D 48 -0.23 5.82 -4.88
C ILE D 48 0.59 4.78 -5.65
N GLY D 49 0.04 4.31 -6.77
CA GLY D 49 0.74 3.33 -7.60
C GLY D 49 -0.13 2.91 -8.78
N ASN D 50 0.47 2.92 -9.97
CA ASN D 50 -0.26 2.53 -11.17
C ASN D 50 -0.37 1.01 -11.28
N TYR D 51 -1.49 0.54 -11.81
CA TYR D 51 -1.71 -0.89 -11.94
C TYR D 51 -1.75 -1.56 -10.57
N ASN D 52 -2.11 -0.79 -9.55
CA ASN D 52 -2.21 -1.32 -8.19
C ASN D 52 -3.58 -1.93 -7.95
N SER D 53 -3.74 -3.19 -8.35
CA SER D 53 -5.00 -3.89 -8.14
C SER D 53 -5.24 -4.17 -6.66
N LEU D 54 -6.50 -4.29 -6.28
CA LEU D 54 -6.85 -4.54 -4.89
C LEU D 54 -8.09 -5.42 -4.80
N VAL D 55 -7.97 -6.54 -4.09
CA VAL D 55 -9.07 -7.46 -3.93
C VAL D 55 -9.53 -7.50 -2.48
N ALA D 56 -10.82 -7.24 -2.25
CA ALA D 56 -11.36 -7.25 -0.91
C ALA D 56 -11.56 -8.68 -0.43
N PRO D 57 -11.70 -8.87 0.86
CA PRO D 57 -11.83 -10.23 1.47
C PRO D 57 -13.22 -10.81 1.29
N PRO D 58 -13.34 -11.83 0.50
CA PRO D 58 -14.64 -12.52 0.26
C PRO D 58 -15.11 -13.31 1.47
N ARG D 59 -16.43 -13.41 1.64
CA ARG D 59 -16.99 -14.14 2.77
C ARG D 59 -18.40 -14.64 2.43
N VAL E 39 -0.88 14.22 -9.24
CA VAL E 39 -0.95 13.17 -8.18
C VAL E 39 -0.57 13.77 -6.84
N PHE E 40 -1.50 14.51 -6.25
CA PHE E 40 -1.25 15.17 -4.97
C PHE E 40 -2.37 14.87 -3.97
N ASN E 41 -1.99 14.57 -2.74
CA ASN E 41 -2.97 14.31 -1.70
C ASN E 41 -2.64 15.09 -0.43
N ASN E 42 -3.64 15.77 0.11
CA ASN E 42 -3.44 16.57 1.31
C ASN E 42 -3.97 15.85 2.54
N CYS E 43 -5.25 15.47 2.50
CA CYS E 43 -5.88 14.79 3.62
C CYS E 43 -5.66 13.28 3.53
N SER E 44 -6.33 12.54 4.41
CA SER E 44 -6.15 11.09 4.45
C SER E 44 -7.17 10.39 3.56
N GLU E 45 -7.11 9.07 3.51
CA GLU E 45 -8.05 8.30 2.70
C GLU E 45 -7.98 8.72 1.25
N VAL E 46 -6.80 8.60 0.65
CA VAL E 46 -6.61 8.98 -0.75
C VAL E 46 -5.99 7.84 -1.54
N GLN E 47 -6.29 7.79 -2.83
CA GLN E 47 -5.74 6.76 -3.69
C GLN E 47 -5.66 7.25 -5.13
N ILE E 48 -4.44 7.33 -5.66
CA ILE E 48 -4.23 7.76 -7.04
C ILE E 48 -3.42 6.72 -7.80
N GLY E 49 -3.96 6.26 -8.91
CA GLY E 49 -3.27 5.27 -9.74
C GLY E 49 -4.13 4.84 -10.93
N ASN E 50 -3.54 4.85 -12.11
CA ASN E 50 -4.27 4.47 -13.32
C ASN E 50 -4.38 2.95 -13.43
N TYR E 51 -5.49 2.48 -13.96
CA TYR E 51 -5.72 1.04 -14.09
C TYR E 51 -5.75 0.38 -12.72
N ASN E 52 -6.12 1.15 -11.70
CA ASN E 52 -6.21 0.62 -10.34
C ASN E 52 -7.59 0.00 -10.09
N SER E 53 -7.74 -1.25 -10.50
CA SER E 53 -9.00 -1.95 -10.29
C SER E 53 -9.24 -2.23 -8.81
N LEU E 54 -10.51 -2.34 -8.43
CA LEU E 54 -10.86 -2.60 -7.04
C LEU E 54 -12.09 -3.48 -6.95
N VAL E 55 -11.96 -4.60 -6.23
CA VAL E 55 -13.08 -5.53 -6.07
C VAL E 55 -13.54 -5.57 -4.62
N ALA E 56 -14.82 -5.30 -4.41
CA ALA E 56 -15.37 -5.31 -3.05
C ALA E 56 -15.57 -6.75 -2.57
N PRO E 57 -15.71 -6.93 -1.29
CA PRO E 57 -15.84 -8.28 -0.67
C PRO E 57 -17.23 -8.86 -0.85
N PRO E 58 -17.36 -9.90 -1.64
CA PRO E 58 -18.65 -10.59 -1.89
C PRO E 58 -19.12 -11.37 -0.68
N ARG E 59 -20.43 -11.47 -0.51
CA ARG E 59 -21.00 -12.20 0.63
C ARG E 59 -22.40 -12.70 0.28
N VAL A 39 15.16 6.41 -0.84
CA VAL A 39 15.05 5.43 0.29
C VAL A 39 15.42 6.12 1.59
N PHE A 40 14.41 6.64 2.28
CA PHE A 40 14.64 7.35 3.54
C PHE A 40 13.55 7.04 4.55
N ASN A 41 13.95 6.67 5.75
CA ASN A 41 12.99 6.41 6.83
C ASN A 41 13.35 7.19 8.08
N ASN A 42 12.38 7.90 8.64
CA ASN A 42 12.61 8.71 9.82
C ASN A 42 12.09 8.00 11.07
N CYS A 43 10.83 7.63 11.05
CA CYS A 43 10.21 6.98 12.21
C CYS A 43 10.42 5.47 12.14
N SER A 44 9.75 4.75 13.04
CA SER A 44 9.91 3.30 13.11
C SER A 44 8.87 2.61 12.22
N GLU A 45 8.94 1.28 12.18
CA GLU A 45 7.99 0.50 11.39
C GLU A 45 8.05 0.93 9.93
N VAL A 46 9.22 0.82 9.32
CA VAL A 46 9.40 1.21 7.93
C VAL A 46 10.04 0.08 7.13
N GLN A 47 9.74 0.05 5.83
CA GLN A 47 10.29 -0.98 4.96
C GLN A 47 10.36 -0.48 3.52
N ILE A 48 11.59 -0.35 3.01
CA ILE A 48 11.78 0.09 1.63
C ILE A 48 12.60 -0.94 0.87
N GLY A 49 12.05 -1.41 -0.26
CA GLY A 49 12.75 -2.39 -1.08
C GLY A 49 11.89 -2.81 -2.27
N ASN A 50 12.49 -2.81 -3.45
CA ASN A 50 11.76 -3.19 -4.66
C ASN A 50 11.65 -4.70 -4.77
N TYR A 51 10.54 -5.17 -5.31
CA TYR A 51 10.31 -6.61 -5.45
C TYR A 51 10.28 -7.28 -4.07
N ASN A 52 9.90 -6.52 -3.05
CA ASN A 52 9.81 -7.05 -1.70
C ASN A 52 8.45 -7.67 -1.45
N SER A 53 8.30 -8.93 -1.85
CA SER A 53 7.04 -9.64 -1.66
C SER A 53 6.80 -9.92 -0.18
N LEU A 54 5.53 -10.04 0.20
CA LEU A 54 5.18 -10.30 1.60
C LEU A 54 3.95 -11.18 1.68
N VAL A 55 4.07 -12.30 2.39
CA VAL A 55 2.96 -13.23 2.55
C VAL A 55 2.50 -13.27 3.99
N ALA A 56 1.22 -13.01 4.21
CA ALA A 56 0.66 -13.03 5.56
C ALA A 56 0.46 -14.46 6.04
N PRO A 57 0.32 -14.64 7.32
CA PRO A 57 0.20 -16.00 7.93
C PRO A 57 -1.20 -16.58 7.74
N PRO A 58 -1.32 -17.61 6.95
CA PRO A 58 -2.62 -18.30 6.70
C PRO A 58 -3.10 -19.08 7.92
N ARG A 59 -4.42 -19.14 8.09
CA ARG A 59 -5.00 -19.86 9.22
C ARG A 59 -5.72 -21.11 8.74
N VAL B 39 11.15 8.33 -2.99
CA VAL B 39 11.05 7.36 -1.87
C VAL B 39 11.41 8.06 -0.57
N PHE B 40 10.41 8.56 0.13
CA PHE B 40 10.64 9.28 1.38
C PHE B 40 9.54 8.97 2.38
N ASN B 41 9.94 8.60 3.59
CA ASN B 41 8.99 8.33 4.66
C ASN B 41 9.35 9.12 5.92
N ASN B 42 8.38 9.83 6.48
CA ASN B 42 8.61 10.64 7.66
C ASN B 42 8.10 9.93 8.91
N CYS B 43 6.82 9.56 8.89
CA CYS B 43 6.21 8.91 10.04
C CYS B 43 6.41 7.40 9.98
N SER B 44 5.74 6.69 10.88
CA SER B 44 5.90 5.23 10.96
C SER B 44 4.87 4.54 10.07
N GLU B 45 4.94 3.21 10.03
CA GLU B 45 3.98 2.43 9.23
C GLU B 45 4.04 2.86 7.77
N VAL B 46 5.22 2.74 7.17
CA VAL B 46 5.39 3.14 5.78
C VAL B 46 6.03 2.01 4.97
N GLN B 47 5.73 1.98 3.68
CA GLN B 47 6.28 0.95 2.80
C GLN B 47 6.36 1.45 1.36
N ILE B 48 7.58 1.58 0.85
CA ILE B 48 7.77 2.02 -0.52
C ILE B 48 8.60 0.99 -1.29
N GLY B 49 8.04 0.51 -2.41
CA GLY B 49 8.75 -0.46 -3.24
C GLY B 49 7.88 -0.88 -4.43
N ASN B 50 8.48 -0.88 -5.61
CA ASN B 50 7.76 -1.26 -6.82
C ASN B 50 7.65 -2.77 -6.93
N TYR B 51 6.53 -3.24 -7.47
CA TYR B 51 6.30 -4.69 -7.60
C TYR B 51 6.28 -5.35 -6.23
N ASN B 52 5.90 -4.59 -5.21
CA ASN B 52 5.81 -5.12 -3.86
C ASN B 52 4.44 -5.74 -3.61
N SER B 53 4.29 -7.01 -4.01
CA SER B 53 3.03 -7.71 -3.82
C SER B 53 2.80 -7.99 -2.34
N LEU B 54 1.52 -8.11 -1.95
CA LEU B 54 1.18 -8.37 -0.56
C LEU B 54 -0.06 -9.25 -0.47
N VAL B 55 0.07 -10.37 0.23
CA VAL B 55 -1.04 -11.30 0.39
C VAL B 55 -1.51 -11.35 1.83
N ALA B 56 -2.78 -11.08 2.05
CA ALA B 56 -3.34 -11.10 3.40
C ALA B 56 -3.55 -12.53 3.88
N PRO B 57 -3.68 -12.71 5.16
CA PRO B 57 -3.81 -14.08 5.77
C PRO B 57 -5.21 -14.66 5.59
N PRO B 58 -5.32 -15.68 4.79
CA PRO B 58 -6.62 -16.37 4.54
C PRO B 58 -7.10 -17.15 5.76
N ARG B 59 -8.43 -17.21 5.93
CA ARG B 59 -9.00 -17.93 7.06
C ARG B 59 -9.73 -19.18 6.58
N VAL C 39 7.14 10.26 -5.15
CA VAL C 39 7.04 9.29 -4.03
C VAL C 39 7.41 9.99 -2.72
N PHE C 40 6.40 10.49 -2.03
CA PHE C 40 6.64 11.22 -0.78
C PHE C 40 5.53 10.90 0.24
N ASN C 41 5.94 10.53 1.44
CA ASN C 41 4.99 10.27 2.51
C ASN C 41 5.35 11.05 3.76
N ASN C 42 4.37 11.76 4.32
CA ASN C 42 4.61 12.57 5.50
C ASN C 42 4.09 11.86 6.75
N CYS C 43 2.82 11.48 6.73
CA CYS C 43 2.20 10.84 7.89
C CYS C 43 2.41 9.33 7.83
N SER C 44 1.73 8.61 8.73
CA SER C 44 1.90 7.15 8.79
C SER C 44 0.86 6.46 7.91
N GLU C 45 0.93 5.13 7.87
CA GLU C 45 -0.02 4.36 7.08
C GLU C 45 0.03 4.78 5.62
N VAL C 46 1.21 4.67 5.01
CA VAL C 46 1.39 5.07 3.62
C VAL C 46 2.03 3.94 2.81
N GLN C 47 1.72 3.91 1.52
CA GLN C 47 2.29 2.88 0.65
C GLN C 47 2.36 3.38 -0.80
N ILE C 48 3.58 3.52 -1.31
CA ILE C 48 3.77 3.95 -2.68
C ILE C 48 4.59 2.92 -3.45
N GLY C 49 4.05 2.44 -4.57
CA GLY C 49 4.75 1.47 -5.39
C GLY C 49 3.88 1.05 -6.58
N ASN C 50 4.48 1.05 -7.77
CA ASN C 50 3.75 0.67 -8.98
C ASN C 50 3.65 -0.84 -9.08
N TYR C 51 2.52 -1.32 -9.62
CA TYR C 51 2.30 -2.76 -9.76
C TYR C 51 2.28 -3.42 -8.39
N ASN C 52 1.90 -2.66 -7.37
CA ASN C 52 1.81 -3.19 -6.01
C ASN C 52 0.44 -3.81 -5.77
N SER C 53 0.29 -5.08 -6.17
CA SER C 53 -0.98 -5.78 -5.97
C SER C 53 -1.21 -6.07 -4.49
N LEU C 54 -2.48 -6.18 -4.11
CA LEU C 54 -2.83 -6.44 -2.72
C LEU C 54 -4.07 -7.33 -2.63
N VAL C 55 -3.94 -8.44 -1.93
CA VAL C 55 -5.05 -9.37 -1.77
C VAL C 55 -5.51 -9.42 -0.33
N ALA C 56 -6.79 -9.16 -0.10
CA ALA C 56 -7.35 -9.17 1.24
C ALA C 56 -7.55 -10.60 1.72
N PRO C 57 -7.69 -10.79 3.01
CA PRO C 57 -7.82 -12.14 3.62
C PRO C 57 -9.22 -12.73 3.43
N PRO C 58 -9.33 -13.76 2.64
CA PRO C 58 -10.63 -14.44 2.38
C PRO C 58 -11.11 -15.22 3.60
N ARG C 59 -12.43 -15.28 3.78
CA ARG C 59 -13.01 -16.00 4.91
C ARG C 59 -13.73 -17.25 4.42
N VAL D 39 3.14 12.19 -7.31
CA VAL D 39 3.04 11.22 -6.19
C VAL D 39 3.40 11.91 -4.88
N PHE D 40 2.40 12.42 -4.19
CA PHE D 40 2.63 13.14 -2.93
C PHE D 40 1.53 12.82 -1.93
N ASN D 41 1.94 12.46 -0.72
CA ASN D 41 0.98 12.19 0.35
C ASN D 41 1.34 12.98 1.60
N ASN D 42 0.36 13.68 2.16
CA ASN D 42 0.60 14.50 3.35
C ASN D 42 0.09 13.78 4.60
N CYS D 43 -1.19 13.41 4.58
CA CYS D 43 -1.80 12.76 5.73
C CYS D 43 -1.60 11.26 5.67
N SER D 44 -2.27 10.54 6.57
CA SER D 44 -2.11 9.09 6.63
C SER D 44 -3.13 8.39 5.76
N GLU D 45 -3.08 7.06 5.71
CA GLU D 45 -4.03 6.29 4.92
C GLU D 45 -3.97 6.71 3.46
N VAL D 46 -2.79 6.60 2.85
CA VAL D 46 -2.61 7.01 1.47
C VAL D 46 -1.98 5.87 0.66
N GLN D 47 -2.28 5.84 -0.64
CA GLN D 47 -1.72 4.80 -1.51
C GLN D 47 -1.65 5.32 -2.95
N ILE D 48 -0.43 5.44 -3.46
CA ILE D 48 -0.24 5.88 -4.84
C ILE D 48 0.58 4.85 -5.61
N GLY D 49 0.05 4.37 -6.73
CA GLY D 49 0.74 3.40 -7.55
C GLY D 49 -0.12 2.97 -8.74
N ASN D 50 0.48 2.98 -9.93
CA ASN D 50 -0.25 2.61 -11.14
C ASN D 50 -0.36 1.08 -11.24
N TYR D 51 -1.48 0.62 -11.78
CA TYR D 51 -1.70 -0.83 -11.92
C TYR D 51 -1.73 -1.49 -10.55
N ASN D 52 -2.11 -0.73 -9.53
CA ASN D 52 -2.20 -1.27 -8.17
C ASN D 52 -3.57 -1.89 -7.93
N SER D 53 -3.72 -3.15 -8.33
CA SER D 53 -4.98 -3.85 -8.13
C SER D 53 -5.22 -4.14 -6.65
N LEU D 54 -6.48 -4.25 -6.27
CA LEU D 54 -6.84 -4.52 -4.88
C LEU D 54 -8.07 -5.40 -4.79
N VAL D 55 -7.94 -6.52 -4.08
CA VAL D 55 -9.05 -7.44 -3.93
C VAL D 55 -9.52 -7.49 -2.49
N ALA D 56 -10.80 -7.23 -2.26
CA ALA D 56 -11.35 -7.25 -0.91
C ALA D 56 -11.56 -8.67 -0.43
N PRO D 57 -11.69 -8.86 0.85
CA PRO D 57 -11.82 -10.21 1.46
C PRO D 57 -13.22 -10.80 1.27
N PRO D 58 -13.33 -11.83 0.48
CA PRO D 58 -14.63 -12.51 0.23
C PRO D 58 -15.12 -13.30 1.45
N ARG D 59 -16.44 -13.35 1.62
CA ARG D 59 -17.01 -14.07 2.75
C ARG D 59 -17.74 -15.32 2.26
N VAL E 39 -0.87 14.12 -9.47
CA VAL E 39 -0.97 13.14 -8.34
C VAL E 39 -0.60 13.84 -7.03
N PHE E 40 -1.61 14.35 -6.34
CA PHE E 40 -1.37 15.07 -5.09
C PHE E 40 -2.47 14.76 -4.08
N ASN E 41 -2.06 14.39 -2.87
CA ASN E 41 -3.02 14.12 -1.81
C ASN E 41 -2.67 14.91 -0.55
N ASN E 42 -3.64 15.62 0.01
CA ASN E 42 -3.40 16.43 1.19
C ASN E 42 -3.92 15.71 2.44
N CYS E 43 -5.19 15.34 2.42
CA CYS E 43 -5.80 14.69 3.58
C CYS E 43 -5.60 13.19 3.51
N SER E 44 -6.27 12.47 4.41
CA SER E 44 -6.11 11.02 4.48
C SER E 44 -7.14 10.32 3.60
N GLU E 45 -7.08 8.99 3.55
CA GLU E 45 -8.03 8.22 2.76
C GLU E 45 -7.97 8.64 1.30
N VAL E 46 -6.80 8.53 0.70
CA VAL E 46 -6.62 8.93 -0.70
C VAL E 46 -5.98 7.80 -1.50
N GLN E 47 -6.28 7.77 -2.80
CA GLN E 47 -5.72 6.74 -3.67
C GLN E 47 -5.66 7.24 -5.10
N ILE E 48 -4.43 7.37 -5.62
CA ILE E 48 -4.23 7.80 -7.00
C ILE E 48 -3.42 6.78 -7.77
N GLY E 49 -3.96 6.29 -8.88
CA GLY E 49 -3.27 5.33 -9.71
C GLY E 49 -4.13 4.90 -10.89
N ASN E 50 -3.53 4.91 -12.08
CA ASN E 50 -4.26 4.53 -13.29
C ASN E 50 -4.37 3.01 -13.40
N TYR E 51 -5.48 2.55 -13.94
CA TYR E 51 -5.71 1.11 -14.08
C TYR E 51 -5.73 0.44 -12.70
N ASN E 52 -6.11 1.20 -11.69
CA ASN E 52 -6.20 0.66 -10.33
C ASN E 52 -7.57 0.04 -10.09
N SER E 53 -7.72 -1.22 -10.49
CA SER E 53 -8.98 -1.92 -10.29
C SER E 53 -9.22 -2.21 -8.81
N LEU E 54 -10.49 -2.33 -8.42
CA LEU E 54 -10.84 -2.58 -7.04
C LEU E 54 -12.07 -3.47 -6.95
N VAL E 55 -11.94 -4.59 -6.24
CA VAL E 55 -13.06 -5.51 -6.09
C VAL E 55 -13.52 -5.56 -4.64
N ALA E 56 -14.80 -5.30 -4.42
CA ALA E 56 -15.35 -5.31 -3.06
C ALA E 56 -15.56 -6.74 -2.59
N PRO E 57 -15.69 -6.93 -1.31
CA PRO E 57 -15.82 -8.28 -0.70
C PRO E 57 -17.23 -8.87 -0.89
N PRO E 58 -17.33 -9.90 -1.68
CA PRO E 58 -18.64 -10.58 -1.93
C PRO E 58 -19.12 -11.37 -0.71
N ARG E 59 -20.43 -11.42 -0.53
CA ARG E 59 -21.02 -12.14 0.59
C ARG E 59 -21.74 -13.40 0.11
N VAL A 39 15.58 7.19 -0.29
CA VAL A 39 15.43 6.04 0.65
C VAL A 39 15.70 6.50 2.07
N PHE A 40 14.70 7.13 2.67
CA PHE A 40 14.84 7.65 4.03
C PHE A 40 13.72 7.14 4.93
N ASN A 41 14.09 6.65 6.10
CA ASN A 41 13.10 6.17 7.06
C ASN A 41 13.25 6.89 8.39
N ASN A 42 12.15 7.43 8.90
CA ASN A 42 12.18 8.20 10.14
C ASN A 42 11.62 7.37 11.30
N CYS A 43 10.37 6.96 11.16
CA CYS A 43 9.70 6.22 12.23
C CYS A 43 9.92 4.73 12.07
N SER A 44 9.31 3.94 12.96
CA SER A 44 9.49 2.49 12.93
C SER A 44 8.53 1.85 11.95
N GLU A 45 8.67 0.54 11.74
CA GLU A 45 7.80 -0.18 10.83
C GLU A 45 7.89 0.39 9.42
N VAL A 46 9.10 0.69 8.98
CA VAL A 46 9.30 1.25 7.65
C VAL A 46 10.36 0.45 6.89
N GLN A 47 10.05 0.13 5.63
CA GLN A 47 10.97 -0.64 4.82
C GLN A 47 10.94 -0.16 3.37
N ILE A 48 12.09 -0.11 2.73
CA ILE A 48 12.17 0.30 1.33
C ILE A 48 12.95 -0.73 0.51
N GLY A 49 12.30 -1.26 -0.51
CA GLY A 49 12.93 -2.25 -1.38
C GLY A 49 12.00 -2.66 -2.51
N ASN A 50 12.54 -2.68 -3.73
CA ASN A 50 11.76 -3.07 -4.89
C ASN A 50 11.63 -4.58 -4.98
N TYR A 51 10.49 -5.06 -5.49
CA TYR A 51 10.25 -6.48 -5.59
C TYR A 51 10.24 -7.13 -4.20
N ASN A 52 9.93 -6.33 -3.19
CA ASN A 52 9.87 -6.84 -1.82
C ASN A 52 8.51 -7.45 -1.54
N SER A 53 8.35 -8.72 -1.88
CA SER A 53 7.08 -9.42 -1.65
C SER A 53 6.86 -9.65 -0.16
N LEU A 54 5.60 -9.75 0.23
CA LEU A 54 5.27 -9.96 1.65
C LEU A 54 4.03 -10.84 1.77
N VAL A 55 4.17 -11.94 2.51
CA VAL A 55 3.04 -12.85 2.71
C VAL A 55 2.61 -12.86 4.18
N ALA A 56 1.34 -12.56 4.41
CA ALA A 56 0.81 -12.54 5.77
C ALA A 56 0.60 -13.97 6.28
N PRO A 57 0.49 -14.12 7.57
CA PRO A 57 0.37 -15.46 8.20
C PRO A 57 -1.06 -16.00 8.13
N PRO A 58 -1.26 -17.04 7.35
CA PRO A 58 -2.59 -17.69 7.20
C PRO A 58 -3.11 -18.24 8.53
N ARG A 59 -4.43 -18.12 8.73
CA ARG A 59 -5.05 -18.60 9.95
C ARG A 59 -4.47 -17.89 11.17
N VAL B 39 11.55 9.06 -2.47
CA VAL B 39 11.40 7.91 -1.54
C VAL B 39 11.67 8.38 -0.11
N PHE B 40 10.67 9.01 0.49
CA PHE B 40 10.81 9.53 1.85
C PHE B 40 9.69 9.02 2.75
N ASN B 41 10.06 8.52 3.92
CA ASN B 41 9.07 8.04 4.87
C ASN B 41 9.23 8.76 6.21
N ASN B 42 8.12 9.31 6.72
CA ASN B 42 8.16 10.07 7.95
C ASN B 42 7.59 9.25 9.11
N CYS B 43 6.34 8.83 8.97
CA CYS B 43 5.66 8.10 10.04
C CYS B 43 5.89 6.59 9.88
N SER B 44 5.28 5.81 10.77
CA SER B 44 5.46 4.37 10.75
C SER B 44 4.50 3.72 9.76
N GLU B 45 4.64 2.41 9.56
CA GLU B 45 3.77 1.68 8.65
C GLU B 45 3.86 2.27 7.24
N VAL B 46 5.08 2.56 6.80
CA VAL B 46 5.27 3.12 5.47
C VAL B 46 6.33 2.31 4.70
N GLN B 47 6.03 2.01 3.45
CA GLN B 47 6.94 1.23 2.63
C GLN B 47 6.90 1.70 1.18
N ILE B 48 8.06 1.76 0.55
CA ILE B 48 8.15 2.18 -0.85
C ILE B 48 8.92 1.15 -1.67
N GLY B 49 8.27 0.61 -2.70
CA GLY B 49 8.90 -0.38 -3.56
C GLY B 49 7.98 -0.79 -4.70
N ASN B 50 8.51 -0.81 -5.92
CA ASN B 50 7.73 -1.19 -7.08
C ASN B 50 7.60 -2.71 -7.16
N TYR B 51 6.47 -3.18 -7.67
CA TYR B 51 6.22 -4.62 -7.77
C TYR B 51 6.21 -5.26 -6.38
N ASN B 52 5.90 -4.46 -5.37
CA ASN B 52 5.83 -4.97 -4.01
C ASN B 52 4.48 -5.58 -3.72
N SER B 53 4.32 -6.85 -4.06
CA SER B 53 3.06 -7.55 -3.84
C SER B 53 2.84 -7.78 -2.35
N LEU B 54 1.57 -7.88 -1.95
CA LEU B 54 1.24 -8.09 -0.54
C LEU B 54 0.00 -8.96 -0.41
N VAL B 55 0.13 -10.06 0.33
CA VAL B 55 -0.98 -10.97 0.53
C VAL B 55 -1.42 -10.99 1.99
N ALA B 56 -2.69 -10.69 2.23
CA ALA B 56 -3.21 -10.67 3.58
C ALA B 56 -3.43 -12.09 4.10
N PRO B 57 -3.54 -12.25 5.38
CA PRO B 57 -3.67 -13.60 6.03
C PRO B 57 -5.09 -14.13 5.94
N PRO B 58 -5.28 -15.17 5.18
CA PRO B 58 -6.62 -15.82 5.02
C PRO B 58 -7.15 -16.36 6.34
N ARG B 59 -8.46 -16.24 6.55
CA ARG B 59 -9.08 -16.73 7.77
C ARG B 59 -8.50 -16.02 8.99
N VAL C 39 7.52 10.93 -4.66
CA VAL C 39 7.37 9.78 -3.73
C VAL C 39 7.64 10.25 -2.29
N PHE C 40 6.63 10.87 -1.69
CA PHE C 40 6.78 11.40 -0.33
C PHE C 40 5.66 10.89 0.56
N ASN C 41 6.03 10.39 1.73
CA ASN C 41 5.04 9.91 2.70
C ASN C 41 5.20 10.64 4.03
N ASN C 42 4.09 11.18 4.53
CA ASN C 42 4.13 11.94 5.77
C ASN C 42 3.56 11.12 6.92
N CYS C 43 2.30 10.70 6.80
CA CYS C 43 1.64 9.97 7.87
C CYS C 43 1.86 8.46 7.70
N SER C 44 1.26 7.68 8.59
CA SER C 44 1.43 6.24 8.56
C SER C 44 0.47 5.59 7.58
N GLU C 45 0.62 4.29 7.38
CA GLU C 45 -0.26 3.56 6.46
C GLU C 45 -0.18 4.14 5.06
N VAL C 46 1.04 4.44 4.62
CA VAL C 46 1.25 5.00 3.29
C VAL C 46 2.30 4.19 2.52
N GLN C 47 1.99 3.87 1.27
CA GLN C 47 2.91 3.10 0.45
C GLN C 47 2.87 3.57 -1.00
N ILE C 48 4.04 3.63 -1.64
CA ILE C 48 4.12 4.05 -3.04
C ILE C 48 4.89 3.02 -3.85
N GLY C 49 4.24 2.48 -4.88
CA GLY C 49 4.88 1.50 -5.74
C GLY C 49 3.95 1.08 -6.88
N ASN C 50 4.48 1.07 -8.10
CA ASN C 50 3.70 0.67 -9.27
C ASN C 50 3.57 -0.84 -9.35
N TYR C 51 2.44 -1.31 -9.85
CA TYR C 51 2.19 -2.75 -9.96
C TYR C 51 2.19 -3.39 -8.57
N ASN C 52 1.87 -2.59 -7.56
CA ASN C 52 1.81 -3.09 -6.19
C ASN C 52 0.45 -3.70 -5.90
N SER C 53 0.29 -4.98 -6.25
CA SER C 53 -0.97 -5.68 -6.02
C SER C 53 -1.20 -5.91 -4.53
N LEU C 54 -2.45 -6.01 -4.12
CA LEU C 54 -2.79 -6.22 -2.72
C LEU C 54 -4.03 -7.10 -2.60
N VAL C 55 -3.89 -8.19 -1.85
CA VAL C 55 -5.01 -9.11 -1.66
C VAL C 55 -5.45 -9.11 -0.20
N ALA C 56 -6.72 -8.82 0.04
CA ALA C 56 -7.24 -8.79 1.40
C ALA C 56 -7.46 -10.22 1.92
N PRO C 57 -7.57 -10.38 3.20
CA PRO C 57 -7.70 -11.72 3.85
C PRO C 57 -9.12 -12.26 3.75
N PRO C 58 -9.31 -13.30 2.99
CA PRO C 58 -10.65 -13.95 2.83
C PRO C 58 -11.18 -14.49 4.16
N ARG C 59 -12.48 -14.37 4.36
CA ARG C 59 -13.11 -14.85 5.59
C ARG C 59 -12.52 -14.15 6.81
N VAL D 39 3.49 12.81 -6.84
CA VAL D 39 3.34 11.65 -5.90
C VAL D 39 3.61 12.11 -4.48
N PHE D 40 2.61 12.75 -3.87
CA PHE D 40 2.76 13.27 -2.52
C PHE D 40 1.63 12.76 -1.62
N ASN D 41 2.00 12.27 -0.45
CA ASN D 41 1.01 11.78 0.51
C ASN D 41 1.16 12.50 1.85
N ASN D 42 0.06 13.05 2.34
CA ASN D 42 0.09 13.81 3.59
C ASN D 42 -0.46 12.99 4.74
N CYS D 43 -1.72 12.57 4.61
CA CYS D 43 -2.38 11.84 5.68
C CYS D 43 -2.17 10.34 5.52
N SER D 44 -2.77 9.56 6.40
CA SER D 44 -2.59 8.11 6.39
C SER D 44 -3.56 7.47 5.40
N GLU D 45 -3.41 6.16 5.19
CA GLU D 45 -4.29 5.43 4.28
C GLU D 45 -4.20 6.01 2.87
N VAL D 46 -2.99 6.30 2.44
CA VAL D 46 -2.78 6.87 1.10
C VAL D 46 -1.73 6.06 0.35
N GLN D 47 -2.04 5.74 -0.92
CA GLN D 47 -1.11 4.98 -1.74
C GLN D 47 -1.15 5.45 -3.18
N ILE D 48 0.01 5.51 -3.82
CA ILE D 48 0.08 5.92 -5.21
C ILE D 48 0.86 4.89 -6.04
N GLY D 49 0.21 4.36 -7.06
CA GLY D 49 0.85 3.37 -7.93
C GLY D 49 -0.08 2.96 -9.07
N ASN D 50 0.45 2.94 -10.28
CA ASN D 50 -0.33 2.55 -11.45
C ASN D 50 -0.46 1.04 -11.53
N TYR D 51 -1.59 0.57 -12.04
CA TYR D 51 -1.84 -0.87 -12.14
C TYR D 51 -1.84 -1.51 -10.76
N ASN D 52 -2.16 -0.71 -9.74
CA ASN D 52 -2.21 -1.22 -8.37
C ASN D 52 -3.58 -1.84 -8.09
N SER D 53 -3.74 -3.11 -8.43
CA SER D 53 -5.00 -3.80 -8.21
C SER D 53 -5.22 -4.04 -6.71
N LEU D 54 -6.48 -4.14 -6.31
CA LEU D 54 -6.82 -4.34 -4.90
C LEU D 54 -8.06 -5.22 -4.78
N VAL D 55 -7.92 -6.31 -4.03
CA VAL D 55 -9.04 -7.23 -3.84
C VAL D 55 -9.47 -7.24 -2.38
N ALA D 56 -10.75 -6.94 -2.14
CA ALA D 56 -11.27 -6.92 -0.78
C ALA D 56 -11.48 -8.35 -0.27
N PRO D 57 -11.60 -8.50 1.02
CA PRO D 57 -11.73 -9.84 1.66
C PRO D 57 -13.15 -10.39 1.58
N PRO D 58 -13.34 -11.43 0.81
CA PRO D 58 -14.67 -12.08 0.66
C PRO D 58 -15.20 -12.62 1.98
N ARG D 59 -16.51 -12.50 2.18
CA ARG D 59 -17.13 -12.98 3.40
C ARG D 59 -16.55 -12.28 4.62
N VAL E 39 -0.54 14.68 -9.02
CA VAL E 39 -0.69 13.52 -8.09
C VAL E 39 -0.42 13.99 -6.66
N PHE E 40 -1.42 14.62 -6.06
CA PHE E 40 -1.27 15.14 -4.70
C PHE E 40 -2.40 14.64 -3.81
N ASN E 41 -2.03 14.13 -2.63
CA ASN E 41 -3.01 13.65 -1.68
C ASN E 41 -2.86 14.38 -0.34
N ASN E 42 -3.97 14.93 0.16
CA ASN E 42 -3.93 15.68 1.40
C ASN E 42 -4.49 14.87 2.56
N CYS E 43 -5.75 14.44 2.42
CA CYS E 43 -6.42 13.70 3.50
C CYS E 43 -6.20 12.21 3.33
N SER E 44 -6.80 11.43 4.22
CA SER E 44 -6.62 9.97 4.20
C SER E 44 -7.59 9.33 3.21
N GLU E 45 -7.44 8.03 3.01
CA GLU E 45 -8.32 7.30 2.09
C GLU E 45 -8.23 7.88 0.69
N VAL E 46 -7.01 8.18 0.26
CA VAL E 46 -6.82 8.73 -1.08
C VAL E 46 -5.76 7.93 -1.84
N GLN E 47 -6.06 7.62 -3.10
CA GLN E 47 -5.14 6.85 -3.93
C GLN E 47 -5.18 7.32 -5.37
N ILE E 48 -4.02 7.38 -6.00
CA ILE E 48 -3.94 7.79 -7.40
C ILE E 48 -3.17 6.76 -8.22
N GLY E 49 -3.82 6.22 -9.25
CA GLY E 49 -3.17 5.24 -10.11
C GLY E 49 -4.11 4.83 -11.26
N ASN E 50 -3.57 4.81 -12.47
CA ASN E 50 -4.36 4.43 -13.63
C ASN E 50 -4.49 2.90 -13.71
N TYR E 51 -5.62 2.43 -14.22
CA TYR E 51 -5.87 1.00 -14.32
C TYR E 51 -5.87 0.36 -12.94
N ASN E 52 -6.18 1.15 -11.93
CA ASN E 52 -6.24 0.65 -10.56
C ASN E 52 -7.61 0.03 -10.27
N SER E 53 -7.77 -1.24 -10.61
CA SER E 53 -9.03 -1.93 -10.38
C SER E 53 -9.24 -2.17 -8.89
N LEU E 54 -10.51 -2.26 -8.50
CA LEU E 54 -10.84 -2.47 -7.09
C LEU E 54 -12.08 -3.35 -6.96
N VAL E 55 -11.95 -4.45 -6.22
CA VAL E 55 -13.07 -5.36 -6.02
C VAL E 55 -13.50 -5.37 -4.57
N ALA E 56 -14.77 -5.07 -4.33
CA ALA E 56 -15.30 -5.06 -2.96
C ALA E 56 -15.51 -6.47 -2.46
N PRO E 57 -15.62 -6.63 -1.17
CA PRO E 57 -15.75 -7.98 -0.53
C PRO E 57 -17.18 -8.51 -0.60
N PRO E 58 -17.37 -9.55 -1.37
CA PRO E 58 -18.70 -10.20 -1.53
C PRO E 58 -19.23 -10.75 -0.20
N ARG E 59 -20.54 -10.63 0.00
CA ARG E 59 -21.17 -11.12 1.22
C ARG E 59 -20.57 -10.40 2.44
N VAL A 39 15.30 6.59 -0.36
CA VAL A 39 15.21 5.49 0.64
C VAL A 39 15.49 6.05 2.03
N PHE A 40 14.50 6.73 2.60
CA PHE A 40 14.67 7.34 3.91
C PHE A 40 13.54 6.91 4.85
N ASN A 41 13.91 6.48 6.06
CA ASN A 41 12.92 6.06 7.05
C ASN A 41 13.12 6.83 8.36
N ASN A 42 12.04 7.40 8.87
CA ASN A 42 12.11 8.17 10.10
C ASN A 42 11.54 7.37 11.27
N CYS A 43 10.28 6.98 11.16
CA CYS A 43 9.62 6.25 12.23
C CYS A 43 9.83 4.74 12.07
N SER A 44 9.16 3.96 12.91
CA SER A 44 9.34 2.51 12.88
C SER A 44 8.33 1.86 11.95
N GLU A 45 8.43 0.54 11.78
CA GLU A 45 7.50 -0.19 10.94
C GLU A 45 7.56 0.34 9.50
N VAL A 46 8.77 0.50 8.97
CA VAL A 46 8.94 0.99 7.61
C VAL A 46 9.85 0.06 6.83
N GLN A 47 9.47 -0.24 5.59
CA GLN A 47 10.24 -1.16 4.76
C GLN A 47 10.37 -0.61 3.34
N ILE A 48 11.60 -0.54 2.84
CA ILE A 48 11.84 -0.09 1.48
C ILE A 48 12.64 -1.13 0.70
N GLY A 49 12.06 -1.61 -0.40
CA GLY A 49 12.74 -2.60 -1.23
C GLY A 49 11.87 -2.98 -2.43
N ASN A 50 12.45 -2.89 -3.62
CA ASN A 50 11.73 -3.22 -4.84
C ASN A 50 11.67 -4.73 -5.03
N TYR A 51 10.57 -5.20 -5.61
CA TYR A 51 10.39 -6.64 -5.82
C TYR A 51 10.39 -7.39 -4.49
N ASN A 52 10.00 -6.69 -3.43
CA ASN A 52 9.93 -7.31 -2.10
C ASN A 52 8.60 -8.01 -1.90
N SER A 53 8.48 -9.22 -2.45
CA SER A 53 7.27 -10.01 -2.27
C SER A 53 7.10 -10.43 -0.81
N LEU A 54 6.05 -9.92 -0.17
CA LEU A 54 5.83 -10.19 1.24
C LEU A 54 4.50 -10.93 1.44
N VAL A 55 4.56 -12.06 2.14
CA VAL A 55 3.36 -12.84 2.38
C VAL A 55 2.96 -12.76 3.86
N ALA A 56 1.73 -12.36 4.12
CA ALA A 56 1.24 -12.24 5.48
C ALA A 56 0.98 -13.63 6.08
N PRO A 57 0.90 -13.71 7.38
CA PRO A 57 0.74 -15.01 8.10
C PRO A 57 -0.70 -15.52 8.04
N PRO A 58 -0.91 -16.60 7.33
CA PRO A 58 -2.26 -17.22 7.21
C PRO A 58 -2.70 -17.90 8.51
N ARG A 59 -4.00 -17.89 8.75
CA ARG A 59 -4.55 -18.52 9.96
C ARG A 59 -4.91 -19.97 9.70
N VAL B 39 11.27 8.51 -2.49
CA VAL B 39 11.17 7.42 -1.49
C VAL B 39 11.46 7.97 -0.10
N PHE B 40 10.47 8.66 0.47
CA PHE B 40 10.64 9.26 1.78
C PHE B 40 9.52 8.83 2.72
N ASN B 41 9.88 8.41 3.93
CA ASN B 41 8.90 7.99 4.91
C ASN B 41 9.09 8.75 6.22
N ASN B 42 8.01 9.33 6.73
CA ASN B 42 8.08 10.10 7.97
C ASN B 42 7.52 9.30 9.14
N CYS B 43 6.25 8.91 9.02
CA CYS B 43 5.59 8.17 10.09
C CYS B 43 5.81 6.67 9.93
N SER B 44 5.14 5.89 10.77
CA SER B 44 5.32 4.44 10.76
C SER B 44 4.31 3.79 9.80
N GLU B 45 4.41 2.47 9.65
CA GLU B 45 3.49 1.73 8.80
C GLU B 45 3.53 2.26 7.37
N VAL B 46 4.74 2.43 6.84
CA VAL B 46 4.91 2.91 5.48
C VAL B 46 5.83 1.98 4.69
N GLN B 47 5.44 1.68 3.45
CA GLN B 47 6.21 0.77 2.63
C GLN B 47 6.34 1.32 1.20
N ILE B 48 7.57 1.38 0.71
CA ILE B 48 7.81 1.84 -0.66
C ILE B 48 8.61 0.80 -1.43
N GLY B 49 8.04 0.32 -2.52
CA GLY B 49 8.71 -0.68 -3.36
C GLY B 49 7.85 -1.06 -4.56
N ASN B 50 8.43 -0.97 -5.75
CA ASN B 50 7.71 -1.30 -6.97
C ASN B 50 7.64 -2.81 -7.16
N TYR B 51 6.55 -3.28 -7.74
CA TYR B 51 6.37 -4.71 -7.95
C TYR B 51 6.36 -5.46 -6.63
N ASN B 52 5.97 -4.77 -5.57
CA ASN B 52 5.90 -5.38 -4.24
C ASN B 52 4.57 -6.09 -4.04
N SER B 53 4.46 -7.29 -4.57
CA SER B 53 3.23 -8.08 -4.41
C SER B 53 3.07 -8.50 -2.95
N LEU B 54 2.02 -7.99 -2.31
CA LEU B 54 1.80 -8.26 -0.89
C LEU B 54 0.48 -9.00 -0.70
N VAL B 55 0.53 -10.13 0.00
CA VAL B 55 -0.67 -10.92 0.25
C VAL B 55 -1.06 -10.84 1.72
N ALA B 56 -2.30 -10.44 1.99
CA ALA B 56 -2.78 -10.32 3.35
C ALA B 56 -3.03 -11.70 3.94
N PRO B 57 -3.13 -11.78 5.25
CA PRO B 57 -3.28 -13.08 5.97
C PRO B 57 -4.72 -13.60 5.91
N PRO B 58 -4.94 -14.67 5.20
CA PRO B 58 -6.28 -15.31 5.07
C PRO B 58 -6.72 -15.97 6.36
N ARG B 59 -8.03 -15.97 6.62
CA ARG B 59 -8.57 -16.58 7.82
C ARG B 59 -8.94 -18.05 7.56
N VAL C 39 7.25 10.45 -4.63
CA VAL C 39 7.16 9.35 -3.62
C VAL C 39 7.44 9.91 -2.24
N PHE C 40 6.45 10.58 -1.66
CA PHE C 40 6.61 11.19 -0.35
C PHE C 40 5.49 10.76 0.59
N ASN C 41 5.86 10.34 1.79
CA ASN C 41 4.87 9.92 2.78
C ASN C 41 5.07 10.67 4.09
N ASN C 42 3.98 11.25 4.61
CA ASN C 42 4.06 12.02 5.84
C ASN C 42 3.49 11.23 7.00
N CYS C 43 2.23 10.83 6.88
CA CYS C 43 1.57 10.10 7.96
C CYS C 43 1.78 8.60 7.80
N SER C 44 1.11 7.81 8.64
CA SER C 44 1.29 6.36 8.62
C SER C 44 0.28 5.71 7.67
N GLU C 45 0.39 4.40 7.52
CA GLU C 45 -0.54 3.66 6.66
C GLU C 45 -0.49 4.19 5.24
N VAL C 46 0.71 4.35 4.71
CA VAL C 46 0.88 4.84 3.34
C VAL C 46 1.80 3.91 2.55
N GLN C 47 1.41 3.61 1.32
CA GLN C 47 2.19 2.70 0.49
C GLN C 47 2.32 3.25 -0.92
N ILE C 48 3.55 3.31 -1.42
CA ILE C 48 3.79 3.76 -2.79
C ILE C 48 4.58 2.71 -3.57
N GLY C 49 4.01 2.24 -4.67
CA GLY C 49 4.69 1.25 -5.49
C GLY C 49 3.82 0.87 -6.70
N ASN C 50 4.41 0.97 -7.89
CA ASN C 50 3.69 0.62 -9.10
C ASN C 50 3.63 -0.88 -9.31
N TYR C 51 2.52 -1.36 -9.88
CA TYR C 51 2.34 -2.79 -10.09
C TYR C 51 2.34 -3.53 -8.76
N ASN C 52 1.94 -2.84 -7.70
CA ASN C 52 1.89 -3.45 -6.37
C ASN C 52 0.55 -4.16 -6.17
N SER C 53 0.43 -5.37 -6.71
CA SER C 53 -0.79 -6.16 -6.54
C SER C 53 -0.95 -6.58 -5.09
N LEU C 54 -2.00 -6.07 -4.44
CA LEU C 54 -2.23 -6.35 -3.03
C LEU C 54 -3.55 -7.08 -2.83
N VAL C 55 -3.50 -8.20 -2.13
CA VAL C 55 -4.69 -8.99 -1.88
C VAL C 55 -5.08 -8.92 -0.41
N ALA C 56 -6.33 -8.51 -0.15
CA ALA C 56 -6.80 -8.40 1.22
C ALA C 56 -7.06 -9.78 1.81
N PRO C 57 -7.15 -9.86 3.12
CA PRO C 57 -7.31 -11.16 3.83
C PRO C 57 -8.75 -11.67 3.77
N PRO C 58 -8.96 -12.75 3.06
CA PRO C 58 -10.31 -13.38 2.94
C PRO C 58 -10.75 -14.05 4.23
N ARG C 59 -12.06 -14.04 4.48
CA ARG C 59 -12.59 -14.66 5.69
C ARG C 59 -12.96 -16.12 5.42
N VAL D 39 3.23 12.37 -6.76
CA VAL D 39 3.14 11.27 -5.76
C VAL D 39 3.42 11.83 -4.37
N PHE D 40 2.42 12.51 -3.80
CA PHE D 40 2.59 13.11 -2.48
C PHE D 40 1.46 12.68 -1.54
N ASN D 41 1.83 12.26 -0.35
CA ASN D 41 0.84 11.84 0.65
C ASN D 41 1.04 12.60 1.95
N ASN D 42 -0.03 13.17 2.46
CA ASN D 42 0.04 13.95 3.70
C ASN D 42 -0.53 13.16 4.87
N CYS D 43 -1.80 12.76 4.75
CA CYS D 43 -2.46 12.02 5.82
C CYS D 43 -2.24 10.52 5.67
N SER D 44 -2.92 9.74 6.50
CA SER D 44 -2.73 8.29 6.48
C SER D 44 -3.74 7.64 5.54
N GLU D 45 -3.64 6.33 5.38
CA GLU D 45 -4.57 5.58 4.53
C GLU D 45 -4.53 6.12 3.10
N VAL D 46 -3.32 6.27 2.57
CA VAL D 46 -3.15 6.76 1.21
C VAL D 46 -2.22 5.84 0.42
N GLN D 47 -2.62 5.53 -0.81
CA GLN D 47 -1.84 4.62 -1.65
C GLN D 47 -1.71 5.17 -3.07
N ILE D 48 -0.48 5.23 -3.56
CA ILE D 48 -0.24 5.68 -4.93
C ILE D 48 0.57 4.64 -5.70
N GLY D 49 -0.01 4.16 -6.80
CA GLY D 49 0.67 3.18 -7.62
C GLY D 49 -0.20 2.80 -8.83
N ASN D 50 0.38 2.89 -10.02
CA ASN D 50 -0.34 2.56 -11.24
C ASN D 50 -0.40 1.04 -11.44
N TYR D 51 -1.50 0.56 -12.01
CA TYR D 51 -1.68 -0.86 -12.22
C TYR D 51 -1.69 -1.61 -10.90
N ASN D 52 -2.09 -0.92 -9.83
CA ASN D 52 -2.14 -1.53 -8.51
C ASN D 52 -3.48 -2.24 -8.31
N SER D 53 -3.59 -3.44 -8.85
CA SER D 53 -4.81 -4.23 -8.67
C SER D 53 -4.98 -4.65 -7.22
N LEU D 54 -6.02 -4.14 -6.57
CA LEU D 54 -6.25 -4.41 -5.17
C LEU D 54 -7.57 -5.15 -4.96
N VAL D 55 -7.52 -6.28 -4.26
CA VAL D 55 -8.73 -7.07 -4.01
C VAL D 55 -9.11 -6.99 -2.54
N ALA D 56 -10.35 -6.58 -2.29
CA ALA D 56 -10.83 -6.46 -0.92
C ALA D 56 -11.09 -7.85 -0.32
N PRO D 57 -11.18 -7.93 0.97
CA PRO D 57 -11.34 -9.24 1.69
C PRO D 57 -12.77 -9.75 1.63
N PRO D 58 -12.98 -10.82 0.93
CA PRO D 58 -14.33 -11.45 0.80
C PRO D 58 -14.78 -12.12 2.10
N ARG D 59 -16.08 -12.12 2.35
CA ARG D 59 -16.62 -12.73 3.56
C ARG D 59 -16.99 -14.19 3.29
N VAL E 39 -0.80 14.29 -8.90
CA VAL E 39 -0.89 13.19 -7.90
C VAL E 39 -0.61 13.76 -6.50
N PHE E 40 -1.60 14.43 -5.94
CA PHE E 40 -1.44 15.05 -4.62
C PHE E 40 -2.56 14.61 -3.69
N ASN E 41 -2.19 14.18 -2.48
CA ASN E 41 -3.19 13.76 -1.49
C ASN E 41 -2.98 14.53 -0.18
N ASN E 42 -4.06 15.10 0.33
CA ASN E 42 -3.99 15.88 1.57
C ASN E 42 -4.56 15.08 2.74
N CYS E 43 -5.82 14.69 2.62
CA CYS E 43 -6.48 13.95 3.69
C CYS E 43 -6.27 12.44 3.53
N SER E 44 -6.94 11.66 4.37
CA SER E 44 -6.76 10.21 4.35
C SER E 44 -7.77 9.57 3.41
N GLU E 45 -7.67 8.25 3.25
CA GLU E 45 -8.60 7.51 2.40
C GLU E 45 -8.54 8.05 0.97
N VAL E 46 -7.34 8.20 0.44
CA VAL E 46 -7.16 8.69 -0.93
C VAL E 46 -6.25 7.76 -1.71
N GLN E 47 -6.63 7.46 -2.95
CA GLN E 47 -5.86 6.55 -3.78
C GLN E 47 -5.73 7.10 -5.20
N ILE E 48 -4.51 7.17 -5.70
CA ILE E 48 -4.26 7.61 -7.06
C ILE E 48 -3.46 6.57 -7.83
N GLY E 49 -4.04 6.09 -8.93
CA GLY E 49 -3.36 5.10 -9.77
C GLY E 49 -4.22 4.72 -10.96
N ASN E 50 -3.65 4.82 -12.16
CA ASN E 50 -4.37 4.48 -13.38
C ASN E 50 -4.43 2.97 -13.57
N TYR E 51 -5.53 2.50 -14.15
CA TYR E 51 -5.71 1.06 -14.36
C TYR E 51 -5.71 0.31 -13.03
N ASN E 52 -6.11 1.01 -11.97
CA ASN E 52 -6.17 0.39 -10.64
C ASN E 52 -7.50 -0.31 -10.44
N SER E 53 -7.62 -1.52 -10.98
CA SER E 53 -8.84 -2.31 -10.81
C SER E 53 -9.00 -2.73 -9.35
N LEU E 54 -10.05 -2.21 -8.71
CA LEU E 54 -10.27 -2.49 -7.29
C LEU E 54 -11.59 -3.22 -7.10
N VAL E 55 -11.54 -4.35 -6.40
CA VAL E 55 -12.74 -5.14 -6.15
C VAL E 55 -13.14 -5.06 -4.68
N ALA E 56 -14.37 -4.66 -4.42
CA ALA E 56 -14.86 -4.54 -3.05
C ALA E 56 -15.12 -5.93 -2.45
N PRO E 57 -15.20 -6.01 -1.16
CA PRO E 57 -15.36 -7.31 -0.44
C PRO E 57 -16.80 -7.82 -0.50
N PRO E 58 -17.01 -8.90 -1.21
CA PRO E 58 -18.36 -9.52 -1.33
C PRO E 58 -18.80 -10.20 -0.03
N ARG E 59 -20.11 -10.19 0.21
CA ARG E 59 -20.64 -10.81 1.41
C ARG E 59 -21.02 -12.27 1.16
N VAL A 39 16.52 7.67 0.33
CA VAL A 39 16.17 6.27 0.69
C VAL A 39 16.45 6.04 2.17
N PHE A 40 15.68 6.72 3.02
CA PHE A 40 15.86 6.60 4.46
C PHE A 40 14.51 6.64 5.17
N ASN A 41 14.48 6.17 6.41
CA ASN A 41 13.24 6.15 7.18
C ASN A 41 13.42 6.88 8.51
N ASN A 42 12.34 7.44 9.03
CA ASN A 42 12.40 8.20 10.27
C ASN A 42 11.81 7.40 11.42
N CYS A 43 10.55 6.97 11.26
CA CYS A 43 9.87 6.23 12.32
C CYS A 43 10.10 4.73 12.16
N SER A 44 9.45 3.95 13.02
CA SER A 44 9.65 2.50 13.01
C SER A 44 8.66 1.84 12.04
N GLU A 45 8.82 0.53 11.85
CA GLU A 45 7.93 -0.21 10.97
C GLU A 45 7.95 0.36 9.56
N VAL A 46 9.16 0.63 9.06
CA VAL A 46 9.31 1.17 7.71
C VAL A 46 10.35 0.37 6.93
N GLN A 47 10.06 0.14 5.65
CA GLN A 47 10.98 -0.60 4.80
C GLN A 47 10.88 -0.13 3.36
N ILE A 48 12.03 -0.01 2.70
CA ILE A 48 12.06 0.40 1.30
C ILE A 48 12.86 -0.60 0.47
N GLY A 49 12.23 -1.13 -0.57
CA GLY A 49 12.90 -2.07 -1.46
C GLY A 49 11.97 -2.52 -2.59
N ASN A 50 12.51 -2.57 -3.80
CA ASN A 50 11.72 -2.99 -4.95
C ASN A 50 11.61 -4.51 -5.00
N TYR A 51 10.48 -4.99 -5.51
CA TYR A 51 10.24 -6.44 -5.58
C TYR A 51 10.23 -7.04 -4.18
N ASN A 52 9.91 -6.23 -3.18
CA ASN A 52 9.84 -6.70 -1.81
C ASN A 52 8.47 -7.31 -1.51
N SER A 53 8.32 -8.59 -1.84
CA SER A 53 7.06 -9.28 -1.60
C SER A 53 6.83 -9.49 -0.10
N LEU A 54 5.57 -9.58 0.29
CA LEU A 54 5.23 -9.76 1.70
C LEU A 54 4.00 -10.65 1.85
N VAL A 55 4.14 -11.73 2.61
CA VAL A 55 3.03 -12.65 2.82
C VAL A 55 2.58 -12.63 4.28
N ALA A 56 1.30 -12.35 4.50
CA ALA A 56 0.76 -12.29 5.85
C ALA A 56 0.57 -13.71 6.40
N PRO A 57 0.45 -13.82 7.69
CA PRO A 57 0.33 -15.15 8.37
C PRO A 57 -1.07 -15.73 8.24
N PRO A 58 -1.21 -16.80 7.50
CA PRO A 58 -2.52 -17.50 7.31
C PRO A 58 -2.95 -18.24 8.57
N ARG A 59 -4.26 -18.30 8.79
CA ARG A 59 -4.80 -18.99 9.96
C ARG A 59 -5.05 -20.46 9.65
N VAL B 39 12.47 9.49 -1.90
CA VAL B 39 12.13 8.09 -1.54
C VAL B 39 12.40 7.85 -0.05
N PHE B 40 11.64 8.54 0.79
CA PHE B 40 11.81 8.41 2.23
C PHE B 40 10.47 8.46 2.94
N ASN B 41 10.44 8.00 4.19
CA ASN B 41 9.20 7.97 4.95
C ASN B 41 9.39 8.69 6.28
N ASN B 42 8.30 9.26 6.80
CA ASN B 42 8.35 10.01 8.04
C ASN B 42 7.76 9.21 9.20
N CYS B 43 6.52 8.79 9.04
CA CYS B 43 5.83 8.05 10.09
C CYS B 43 6.06 6.56 9.94
N SER B 44 5.41 5.77 10.80
CA SER B 44 5.60 4.32 10.78
C SER B 44 4.62 3.65 9.82
N GLU B 45 4.78 2.35 9.62
CA GLU B 45 3.88 1.60 8.75
C GLU B 45 3.92 2.17 7.34
N VAL B 46 5.11 2.43 6.83
CA VAL B 46 5.27 2.98 5.49
C VAL B 46 6.31 2.18 4.71
N GLN B 47 6.03 1.96 3.43
CA GLN B 47 6.94 1.21 2.58
C GLN B 47 6.84 1.69 1.13
N ILE B 48 7.99 1.81 0.48
CA ILE B 48 8.02 2.22 -0.92
C ILE B 48 8.82 1.22 -1.76
N GLY B 49 8.19 0.69 -2.80
CA GLY B 49 8.86 -0.26 -3.68
C GLY B 49 7.93 -0.70 -4.81
N ASN B 50 8.47 -0.76 -6.02
CA ASN B 50 7.68 -1.17 -7.18
C ASN B 50 7.57 -2.70 -7.23
N TYR B 51 6.44 -3.18 -7.73
CA TYR B 51 6.20 -4.62 -7.79
C TYR B 51 6.18 -5.23 -6.40
N ASN B 52 5.86 -4.41 -5.40
CA ASN B 52 5.80 -4.89 -4.03
C ASN B 52 4.44 -5.49 -3.73
N SER B 53 4.28 -6.77 -4.07
CA SER B 53 3.02 -7.47 -3.82
C SER B 53 2.80 -7.67 -2.33
N LEU B 54 1.53 -7.76 -1.93
CA LEU B 54 1.20 -7.95 -0.52
C LEU B 54 -0.04 -8.83 -0.38
N VAL B 55 0.10 -9.92 0.39
CA VAL B 55 -1.01 -10.83 0.59
C VAL B 55 -1.45 -10.80 2.05
N ALA B 56 -2.74 -10.53 2.27
CA ALA B 56 -3.28 -10.48 3.62
C ALA B 56 -3.47 -11.88 4.17
N PRO B 57 -3.60 -12.00 5.47
CA PRO B 57 -3.71 -13.33 6.14
C PRO B 57 -5.11 -13.92 6.02
N PRO B 58 -5.24 -14.99 5.28
CA PRO B 58 -6.55 -15.68 5.09
C PRO B 58 -6.99 -16.43 6.35
N ARG B 59 -8.30 -16.49 6.57
CA ARG B 59 -8.84 -17.17 7.74
C ARG B 59 -9.09 -18.65 7.43
N VAL C 39 8.43 11.31 -4.13
CA VAL C 39 8.09 9.90 -3.76
C VAL C 39 8.36 9.67 -2.28
N PHE C 40 7.60 10.36 -1.43
CA PHE C 40 7.78 10.23 0.01
C PHE C 40 6.43 10.27 0.71
N ASN C 41 6.40 9.81 1.97
CA ASN C 41 5.16 9.79 2.74
C ASN C 41 5.34 10.51 4.06
N ASN C 42 4.25 11.08 4.58
CA ASN C 42 4.31 11.83 5.81
C ASN C 42 3.72 11.03 6.97
N CYS C 43 2.48 10.61 6.81
CA CYS C 43 1.78 9.87 7.87
C CYS C 43 2.02 8.37 7.72
N SER C 44 1.38 7.58 8.57
CA SER C 44 1.56 6.14 8.55
C SER C 44 0.59 5.47 7.59
N GLU C 45 0.74 4.17 7.40
CA GLU C 45 -0.16 3.43 6.53
C GLU C 45 -0.12 3.99 5.11
N VAL C 46 1.08 4.26 4.61
CA VAL C 46 1.23 4.80 3.27
C VAL C 46 2.27 4.01 2.48
N GLN C 47 1.98 3.77 1.20
CA GLN C 47 2.90 3.03 0.35
C GLN C 47 2.80 3.50 -1.10
N ILE C 48 3.95 3.63 -1.75
CA ILE C 48 3.98 4.04 -3.15
C ILE C 48 4.78 3.04 -3.98
N GLY C 49 4.15 2.51 -5.03
CA GLY C 49 4.82 1.56 -5.91
C GLY C 49 3.89 1.11 -7.03
N ASN C 50 4.44 1.06 -8.25
CA ASN C 50 3.65 0.64 -9.40
C ASN C 50 3.53 -0.88 -9.46
N TYR C 51 2.40 -1.36 -9.96
CA TYR C 51 2.16 -2.80 -10.02
C TYR C 51 2.15 -3.41 -8.62
N ASN C 52 1.83 -2.59 -7.63
CA ASN C 52 1.76 -3.07 -6.26
C ASN C 52 0.39 -3.68 -5.96
N SER C 53 0.24 -4.96 -6.29
CA SER C 53 -1.02 -5.65 -6.05
C SER C 53 -1.24 -5.86 -4.55
N LEU C 54 -2.51 -5.95 -4.15
CA LEU C 54 -2.84 -6.13 -2.75
C LEU C 54 -4.07 -7.02 -2.60
N VAL C 55 -3.94 -8.10 -1.84
CA VAL C 55 -5.05 -9.02 -1.63
C VAL C 55 -5.50 -8.99 -0.17
N ALA C 56 -6.78 -8.71 0.04
CA ALA C 56 -7.31 -8.66 1.40
C ALA C 56 -7.52 -10.07 1.95
N PRO C 57 -7.63 -10.19 3.24
CA PRO C 57 -7.75 -11.52 3.91
C PRO C 57 -9.15 -12.10 3.79
N PRO C 58 -9.29 -13.17 3.06
CA PRO C 58 -10.59 -13.86 2.87
C PRO C 58 -11.03 -14.61 4.12
N ARG C 59 -12.34 -14.67 4.34
CA ARG C 59 -12.88 -15.35 5.51
C ARG C 59 -13.13 -16.83 5.20
N VAL D 39 4.40 13.12 -6.35
CA VAL D 39 4.05 11.72 -5.99
C VAL D 39 4.32 11.49 -4.51
N PHE D 40 3.57 12.17 -3.66
CA PHE D 40 3.74 12.04 -2.22
C PHE D 40 2.39 12.09 -1.50
N ASN D 41 2.36 11.63 -0.26
CA ASN D 41 1.12 11.61 0.51
C ASN D 41 1.30 12.33 1.84
N ASN D 42 0.22 12.90 2.36
CA ASN D 42 0.27 13.65 3.60
C ASN D 42 -0.32 12.84 4.75
N CYS D 43 -1.57 12.42 4.58
CA CYS D 43 -2.26 11.69 5.64
C CYS D 43 -2.02 10.19 5.49
N SER D 44 -2.67 9.40 6.35
CA SER D 44 -2.48 7.95 6.33
C SER D 44 -3.46 7.29 5.37
N GLU D 45 -3.30 5.98 5.17
CA GLU D 45 -4.19 5.24 4.31
C GLU D 45 -4.17 5.80 2.88
N VAL D 46 -2.97 6.07 2.39
CA VAL D 46 -2.81 6.61 1.05
C VAL D 46 -1.77 5.82 0.26
N GLN D 47 -2.06 5.59 -1.03
CA GLN D 47 -1.14 4.84 -1.87
C GLN D 47 -1.23 5.33 -3.32
N ILE D 48 -0.09 5.44 -3.97
CA ILE D 48 -0.06 5.85 -5.37
C ILE D 48 0.74 4.86 -6.20
N GLY D 49 0.11 4.32 -7.25
CA GLY D 49 0.78 3.37 -8.13
C GLY D 49 -0.14 2.93 -9.26
N ASN D 50 0.39 2.87 -10.47
CA ASN D 50 -0.39 2.46 -11.63
C ASN D 50 -0.51 0.93 -11.68
N TYR D 51 -1.64 0.45 -12.18
CA TYR D 51 -1.88 -0.99 -12.25
C TYR D 51 -1.89 -1.60 -10.85
N ASN D 52 -2.21 -0.78 -9.85
CA ASN D 52 -2.28 -1.26 -8.48
C ASN D 52 -3.65 -1.86 -8.19
N SER D 53 -3.80 -3.14 -8.52
CA SER D 53 -5.07 -3.84 -8.27
C SER D 53 -5.28 -4.04 -6.78
N LEU D 54 -6.55 -4.13 -6.38
CA LEU D 54 -6.89 -4.32 -4.97
C LEU D 54 -8.12 -5.20 -4.83
N VAL D 55 -7.98 -6.28 -4.07
CA VAL D 55 -9.09 -7.20 -3.86
C VAL D 55 -9.53 -7.17 -2.40
N ALA D 56 -10.81 -6.90 -2.18
CA ALA D 56 -11.36 -6.85 -0.83
C ALA D 56 -11.55 -8.25 -0.28
N PRO D 57 -11.67 -8.37 1.02
CA PRO D 57 -11.78 -9.70 1.69
C PRO D 57 -13.20 -10.28 1.57
N PRO D 58 -13.33 -11.35 0.83
CA PRO D 58 -14.63 -12.05 0.64
C PRO D 58 -15.07 -12.80 1.90
N ARG D 59 -16.39 -12.85 2.12
CA ARG D 59 -16.92 -13.54 3.29
C ARG D 59 -17.17 -15.01 2.98
N VAL E 39 0.36 14.94 -8.58
CA VAL E 39 0.01 13.53 -8.22
C VAL E 39 0.29 13.30 -6.73
N PHE E 40 -0.48 13.99 -5.88
CA PHE E 40 -0.30 13.86 -4.45
C PHE E 40 -1.65 13.91 -3.73
N ASN E 41 -1.68 13.45 -2.49
CA ASN E 41 -2.92 13.42 -1.71
C ASN E 41 -2.74 14.14 -0.38
N ASN E 42 -3.83 14.71 0.13
CA ASN E 42 -3.77 15.47 1.37
C ASN E 42 -4.36 14.66 2.52
N CYS E 43 -5.61 14.23 2.36
CA CYS E 43 -6.29 13.50 3.42
C CYS E 43 -6.06 12.00 3.27
N SER E 44 -6.71 11.22 4.12
CA SER E 44 -6.51 9.77 4.10
C SER E 44 -7.49 9.11 3.14
N GLU E 45 -7.34 7.80 2.95
CA GLU E 45 -8.23 7.06 2.08
C GLU E 45 -8.20 7.62 0.66
N VAL E 46 -7.01 7.89 0.16
CA VAL E 46 -6.85 8.43 -1.18
C VAL E 46 -5.81 7.64 -1.97
N GLN E 47 -6.09 7.40 -3.25
CA GLN E 47 -5.18 6.66 -4.10
C GLN E 47 -5.28 7.14 -5.54
N ILE E 48 -4.13 7.26 -6.20
CA ILE E 48 -4.10 7.67 -7.60
C ILE E 48 -3.30 6.67 -8.43
N GLY E 49 -3.93 6.14 -9.47
CA GLY E 49 -3.26 5.19 -10.36
C GLY E 49 -4.19 4.75 -11.48
N ASN E 50 -3.65 4.69 -12.70
CA ASN E 50 -4.44 4.27 -13.85
C ASN E 50 -4.55 2.76 -13.90
N TYR E 51 -5.68 2.27 -14.41
CA TYR E 51 -5.91 0.83 -14.47
C TYR E 51 -5.93 0.22 -13.08
N ASN E 52 -6.25 1.04 -12.08
CA ASN E 52 -6.32 0.57 -10.70
C ASN E 52 -7.69 -0.05 -10.41
N SER E 53 -7.84 -1.33 -10.74
CA SER E 53 -9.10 -2.02 -10.50
C SER E 53 -9.32 -2.23 -9.00
N LEU E 54 -10.59 -2.32 -8.60
CA LEU E 54 -10.92 -2.50 -7.20
C LEU E 54 -12.16 -3.38 -7.06
N VAL E 55 -12.01 -4.47 -6.29
CA VAL E 55 -13.14 -5.39 -6.09
C VAL E 55 -13.58 -5.36 -4.62
N ALA E 56 -14.86 -5.09 -4.41
CA ALA E 56 -15.40 -5.03 -3.06
C ALA E 56 -15.59 -6.44 -2.50
N PRO E 57 -15.71 -6.55 -1.21
CA PRO E 57 -15.83 -7.89 -0.54
C PRO E 57 -17.23 -8.46 -0.65
N PRO E 58 -17.37 -9.54 -1.39
CA PRO E 58 -18.67 -10.23 -1.58
C PRO E 58 -19.11 -10.98 -0.33
N ARG E 59 -20.42 -11.04 -0.11
CA ARG E 59 -20.96 -11.72 1.06
C ARG E 59 -21.21 -13.20 0.75
N VAL A 39 15.59 6.01 -0.42
CA VAL A 39 15.62 4.95 0.63
C VAL A 39 15.95 5.57 1.98
N PHE A 40 14.99 6.33 2.52
CA PHE A 40 15.20 7.00 3.80
C PHE A 40 14.07 6.68 4.77
N ASN A 41 14.41 6.12 5.92
CA ASN A 41 13.42 5.80 6.93
C ASN A 41 13.62 6.68 8.16
N ASN A 42 12.54 7.30 8.63
CA ASN A 42 12.61 8.19 9.79
C ASN A 42 12.01 7.51 11.01
N CYS A 43 10.74 7.15 10.93
CA CYS A 43 10.05 6.52 12.04
C CYS A 43 10.26 5.01 12.01
N SER A 44 9.55 4.29 12.88
CA SER A 44 9.72 2.85 12.99
C SER A 44 8.69 2.12 12.14
N GLU A 45 8.84 0.80 12.03
CA GLU A 45 7.87 -0.02 11.30
C GLU A 45 7.79 0.44 9.84
N VAL A 46 8.94 0.66 9.22
CA VAL A 46 8.96 1.05 7.82
C VAL A 46 10.04 0.28 7.07
N GLN A 47 9.86 0.16 5.75
CA GLN A 47 10.83 -0.56 4.94
C GLN A 47 10.76 -0.09 3.49
N ILE A 48 11.91 -0.05 2.82
CA ILE A 48 11.96 0.37 1.42
C ILE A 48 12.78 -0.62 0.60
N GLY A 49 12.18 -1.13 -0.47
CA GLY A 49 12.87 -2.08 -1.34
C GLY A 49 11.95 -2.52 -2.48
N ASN A 50 12.51 -2.58 -3.69
CA ASN A 50 11.74 -3.00 -4.85
C ASN A 50 11.64 -4.52 -4.92
N TYR A 51 10.52 -5.00 -5.43
CA TYR A 51 10.29 -6.44 -5.52
C TYR A 51 10.28 -7.06 -4.12
N ASN A 52 9.93 -6.26 -3.13
CA ASN A 52 9.85 -6.75 -1.75
C ASN A 52 8.49 -7.37 -1.48
N SER A 53 8.33 -8.65 -1.83
CA SER A 53 7.07 -9.34 -1.60
C SER A 53 6.84 -9.57 -0.12
N LEU A 54 5.57 -9.67 0.28
CA LEU A 54 5.24 -9.88 1.68
C LEU A 54 4.01 -10.77 1.80
N VAL A 55 4.14 -11.86 2.56
CA VAL A 55 3.04 -12.79 2.75
C VAL A 55 2.59 -12.78 4.20
N ALA A 56 1.30 -12.51 4.42
CA ALA A 56 0.76 -12.48 5.77
C ALA A 56 0.56 -13.89 6.30
N PRO A 57 0.44 -14.04 7.59
CA PRO A 57 0.32 -15.37 8.25
C PRO A 57 -1.08 -15.97 8.09
N PRO A 58 -1.19 -17.03 7.34
CA PRO A 58 -2.49 -17.73 7.12
C PRO A 58 -2.96 -18.46 8.36
N ARG A 59 -4.28 -18.54 8.55
CA ARG A 59 -4.85 -19.22 9.69
C ARG A 59 -5.87 -20.26 9.25
N VAL B 39 11.55 7.85 -2.63
CA VAL B 39 11.57 6.79 -1.58
C VAL B 39 11.91 7.41 -0.23
N PHE B 40 10.95 8.16 0.32
CA PHE B 40 11.16 8.83 1.60
C PHE B 40 10.03 8.52 2.56
N ASN B 41 10.37 7.95 3.71
CA ASN B 41 9.38 7.64 4.73
C ASN B 41 9.58 8.52 5.97
N ASN B 42 8.50 9.14 6.42
CA ASN B 42 8.57 10.03 7.58
C ASN B 42 7.97 9.35 8.82
N CYS B 43 6.70 8.99 8.72
CA CYS B 43 6.01 8.36 9.83
C CYS B 43 6.23 6.85 9.81
N SER B 44 5.51 6.13 10.67
CA SER B 44 5.68 4.68 10.78
C SER B 44 4.65 3.96 9.94
N GLU B 45 4.80 2.64 9.82
CA GLU B 45 3.83 1.82 9.09
C GLU B 45 3.74 2.27 7.64
N VAL B 46 4.89 2.50 7.02
CA VAL B 46 4.92 2.89 5.61
C VAL B 46 6.01 2.12 4.86
N GLN B 47 5.83 1.99 3.55
CA GLN B 47 6.80 1.28 2.73
C GLN B 47 6.72 1.75 1.29
N ILE B 48 7.87 1.79 0.61
CA ILE B 48 7.92 2.21 -0.78
C ILE B 48 8.74 1.22 -1.61
N GLY B 49 8.13 0.70 -2.67
CA GLY B 49 8.82 -0.24 -3.55
C GLY B 49 7.92 -0.68 -4.68
N ASN B 50 8.47 -0.74 -5.89
CA ASN B 50 7.70 -1.16 -7.06
C ASN B 50 7.59 -2.68 -7.12
N TYR B 51 6.48 -3.16 -7.64
CA TYR B 51 6.25 -4.60 -7.72
C TYR B 51 6.24 -5.22 -6.33
N ASN B 52 5.88 -4.42 -5.33
CA ASN B 52 5.81 -4.91 -3.96
C ASN B 52 4.44 -5.52 -3.68
N SER B 53 4.29 -6.80 -4.03
CA SER B 53 3.03 -7.50 -3.81
C SER B 53 2.81 -7.73 -2.32
N LEU B 54 1.54 -7.83 -1.92
CA LEU B 54 1.19 -8.03 -0.52
C LEU B 54 -0.04 -8.92 -0.39
N VAL B 55 0.10 -10.02 0.35
CA VAL B 55 -1.00 -10.95 0.54
C VAL B 55 -1.46 -10.94 1.99
N ALA B 56 -2.75 -10.67 2.21
CA ALA B 56 -3.28 -10.64 3.56
C ALA B 56 -3.47 -12.06 4.10
N PRO B 57 -3.60 -12.19 5.39
CA PRO B 57 -3.72 -13.53 6.05
C PRO B 57 -5.12 -14.13 5.89
N PRO B 58 -5.23 -15.18 5.14
CA PRO B 58 -6.53 -15.88 4.92
C PRO B 58 -7.00 -16.63 6.17
N ARG B 59 -8.32 -16.70 6.34
CA ARG B 59 -8.89 -17.38 7.49
C ARG B 59 -9.92 -18.42 7.05
N VAL C 39 7.51 9.69 -4.83
CA VAL C 39 7.53 8.63 -3.78
C VAL C 39 7.86 9.25 -2.44
N PHE C 40 6.91 10.00 -1.89
CA PHE C 40 7.12 10.67 -0.61
C PHE C 40 5.98 10.36 0.36
N ASN C 41 6.33 9.79 1.51
CA ASN C 41 5.34 9.48 2.53
C ASN C 41 5.54 10.36 3.76
N ASN C 42 4.46 10.98 4.22
CA ASN C 42 4.53 11.87 5.38
C ASN C 42 3.93 11.19 6.61
N CYS C 43 2.65 10.83 6.51
CA CYS C 43 1.97 10.19 7.63
C CYS C 43 2.19 8.68 7.60
N SER C 44 1.47 7.97 8.46
CA SER C 44 1.64 6.52 8.58
C SER C 44 0.60 5.79 7.73
N GLU C 45 0.76 4.48 7.62
CA GLU C 45 -0.20 3.66 6.89
C GLU C 45 -0.31 4.11 5.44
N VAL C 46 0.85 4.34 4.81
CA VAL C 46 0.89 4.73 3.41
C VAL C 46 1.96 3.96 2.66
N GLN C 47 1.79 3.83 1.34
CA GLN C 47 2.75 3.12 0.53
C GLN C 47 2.68 3.59 -0.92
N ILE C 48 3.83 3.63 -1.59
CA ILE C 48 3.88 4.05 -2.99
C ILE C 48 4.70 3.06 -3.80
N GLY C 49 4.09 2.54 -4.88
CA GLY C 49 4.78 1.60 -5.75
C GLY C 49 3.87 1.16 -6.89
N ASN C 50 4.43 1.10 -8.10
CA ASN C 50 3.66 0.68 -9.26
C ASN C 50 3.56 -0.84 -9.33
N TYR C 51 2.43 -1.32 -9.84
CA TYR C 51 2.21 -2.77 -9.92
C TYR C 51 2.19 -3.38 -8.54
N ASN C 52 1.84 -2.58 -7.54
CA ASN C 52 1.77 -3.08 -6.16
C ASN C 52 0.40 -3.69 -5.88
N SER C 53 0.25 -4.96 -6.23
CA SER C 53 -1.01 -5.66 -6.01
C SER C 53 -1.24 -5.89 -4.53
N LEU C 54 -2.51 -5.99 -4.13
CA LEU C 54 -2.85 -6.19 -2.72
C LEU C 54 -4.08 -7.08 -2.60
N VAL C 55 -3.93 -8.18 -1.85
CA VAL C 55 -5.05 -9.11 -1.66
C VAL C 55 -5.50 -9.10 -0.20
N ALA C 56 -6.78 -8.83 0.01
CA ALA C 56 -7.32 -8.80 1.37
C ALA C 56 -7.52 -10.22 1.89
N PRO C 57 -7.65 -10.35 3.18
CA PRO C 57 -7.77 -11.69 3.84
C PRO C 57 -9.16 -12.28 3.69
N PRO C 58 -9.27 -13.35 2.94
CA PRO C 58 -10.57 -14.04 2.72
C PRO C 58 -11.05 -14.79 3.96
N ARG C 59 -12.36 -14.86 4.13
CA ARG C 59 -12.93 -15.54 5.29
C ARG C 59 -13.96 -16.58 4.84
N VAL D 39 3.47 11.53 -7.04
CA VAL D 39 3.49 10.47 -5.99
C VAL D 39 3.81 11.09 -4.64
N PHE D 40 2.87 11.84 -4.09
CA PHE D 40 3.08 12.51 -2.82
C PHE D 40 1.94 12.20 -1.85
N ASN D 41 2.29 11.63 -0.70
CA ASN D 41 1.30 11.32 0.32
C ASN D 41 1.49 12.20 1.55
N ASN D 42 0.41 12.82 2.01
CA ASN D 42 0.49 13.71 3.17
C ASN D 42 -0.11 13.03 4.40
N CYS D 43 -1.38 12.66 4.31
CA CYS D 43 -2.07 12.03 5.42
C CYS D 43 -1.86 10.52 5.40
N SER D 44 -2.58 9.81 6.26
CA SER D 44 -2.40 8.36 6.37
C SER D 44 -3.44 7.63 5.53
N GLU D 45 -3.28 6.32 5.42
CA GLU D 45 -4.25 5.50 4.69
C GLU D 45 -4.34 5.95 3.23
N VAL D 46 -3.19 6.18 2.60
CA VAL D 46 -3.16 6.57 1.20
C VAL D 46 -2.08 5.80 0.45
N GLN D 47 -2.26 5.67 -0.86
CA GLN D 47 -1.29 4.96 -1.68
C GLN D 47 -1.36 5.43 -3.13
N ILE D 48 -0.21 5.47 -3.80
CA ILE D 48 -0.16 5.89 -5.20
C ILE D 48 0.66 4.90 -6.01
N GLY D 49 0.05 4.38 -7.08
CA GLY D 49 0.74 3.43 -7.95
C GLY D 49 -0.17 3.00 -9.10
N ASN D 50 0.39 2.94 -10.30
CA ASN D 50 -0.38 2.52 -11.47
C ASN D 50 -0.49 1.01 -11.53
N TYR D 51 -1.60 0.51 -12.05
CA TYR D 51 -1.83 -0.93 -12.13
C TYR D 51 -1.85 -1.55 -10.74
N ASN D 52 -2.19 -0.75 -9.74
CA ASN D 52 -2.27 -1.24 -8.36
C ASN D 52 -3.64 -1.85 -8.09
N SER D 53 -3.79 -3.12 -8.44
CA SER D 53 -5.05 -3.82 -8.22
C SER D 53 -5.28 -4.04 -6.72
N LEU D 54 -6.55 -4.15 -6.34
CA LEU D 54 -6.89 -4.36 -4.93
C LEU D 54 -8.12 -5.25 -4.80
N VAL D 55 -7.98 -6.34 -4.06
CA VAL D 55 -9.09 -7.27 -3.87
C VAL D 55 -9.54 -7.26 -2.41
N ALA D 56 -10.82 -6.99 -2.20
CA ALA D 56 -11.36 -6.96 -0.84
C ALA D 56 -11.56 -8.38 -0.32
N PRO D 57 -11.68 -8.52 0.98
CA PRO D 57 -11.80 -9.86 1.64
C PRO D 57 -13.20 -10.44 1.48
N PRO D 58 -13.31 -11.51 0.74
CA PRO D 58 -14.61 -12.20 0.51
C PRO D 58 -15.09 -12.94 1.76
N ARG D 59 -16.41 -13.02 1.93
CA ARG D 59 -16.98 -13.70 3.09
C ARG D 59 -17.99 -14.74 2.64
N VAL E 39 -0.57 13.37 -9.24
CA VAL E 39 -0.55 12.30 -8.19
C VAL E 39 -0.23 12.93 -6.84
N PHE E 40 -1.18 13.68 -6.30
CA PHE E 40 -0.96 14.35 -5.01
C PHE E 40 -2.10 14.03 -4.05
N ASN E 41 -1.75 13.47 -2.90
CA ASN E 41 -2.75 13.16 -1.88
C ASN E 41 -2.54 14.04 -0.65
N ASN E 42 -3.62 14.66 -0.19
CA ASN E 42 -3.56 15.55 0.96
C ASN E 42 -4.16 14.87 2.20
N CYS E 43 -5.43 14.50 2.10
CA CYS E 43 -6.11 13.87 3.22
C CYS E 43 -5.89 12.36 3.19
N SER E 44 -6.61 11.65 4.05
CA SER E 44 -6.44 10.20 4.17
C SER E 44 -7.48 9.47 3.32
N GLU E 45 -7.32 8.16 3.21
CA GLU E 45 -8.29 7.34 2.48
C GLU E 45 -8.38 7.79 1.03
N VAL E 46 -7.23 8.02 0.40
CA VAL E 46 -7.20 8.42 -1.00
C VAL E 46 -6.12 7.64 -1.76
N GLN E 47 -6.29 7.51 -3.06
CA GLN E 47 -5.33 6.80 -3.89
C GLN E 47 -5.41 7.27 -5.33
N ILE E 48 -4.26 7.31 -5.99
CA ILE E 48 -4.20 7.73 -7.40
C ILE E 48 -3.39 6.74 -8.22
N GLY E 49 -3.99 6.22 -9.28
CA GLY E 49 -3.30 5.27 -10.16
C GLY E 49 -4.20 4.83 -11.30
N ASN E 50 -3.65 4.78 -12.51
CA ASN E 50 -4.42 4.36 -13.68
C ASN E 50 -4.53 2.85 -13.73
N TYR E 51 -5.65 2.35 -14.25
CA TYR E 51 -5.88 0.91 -14.34
C TYR E 51 -5.89 0.29 -12.94
N ASN E 52 -6.24 1.09 -11.95
CA ASN E 52 -6.32 0.60 -10.57
C ASN E 52 -7.68 -0.01 -10.29
N SER E 53 -7.83 -1.28 -10.65
CA SER E 53 -9.10 -1.98 -10.43
C SER E 53 -9.32 -2.21 -8.93
N LEU E 54 -10.59 -2.31 -8.54
CA LEU E 54 -10.93 -2.52 -7.13
C LEU E 54 -12.16 -3.41 -7.01
N VAL E 55 -12.02 -4.50 -6.26
CA VAL E 55 -13.13 -5.43 -6.07
C VAL E 55 -13.59 -5.42 -4.61
N ALA E 56 -14.87 -5.15 -4.40
CA ALA E 56 -15.41 -5.12 -3.04
C ALA E 56 -15.60 -6.54 -2.52
N PRO E 57 -15.72 -6.68 -1.23
CA PRO E 57 -15.85 -8.01 -0.56
C PRO E 57 -17.24 -8.60 -0.72
N PRO E 58 -17.36 -9.67 -1.47
CA PRO E 58 -18.65 -10.36 -1.70
C PRO E 58 -19.13 -11.10 -0.45
N ARG E 59 -20.44 -11.19 -0.28
CA ARG E 59 -21.02 -11.87 0.88
C ARG E 59 -22.04 -12.90 0.43
N VAL A 39 15.32 7.07 0.14
CA VAL A 39 15.13 5.65 0.52
C VAL A 39 15.43 5.48 2.01
N PHE A 40 14.76 6.28 2.84
CA PHE A 40 14.98 6.23 4.28
C PHE A 40 13.66 6.45 5.03
N ASN A 41 13.63 6.05 6.29
CA ASN A 41 12.44 6.21 7.11
C ASN A 41 12.78 6.83 8.45
N ASN A 42 11.80 7.49 9.07
CA ASN A 42 12.02 8.15 10.34
C ASN A 42 11.45 7.32 11.48
N CYS A 43 10.19 6.91 11.35
CA CYS A 43 9.53 6.14 12.40
C CYS A 43 9.80 4.65 12.22
N SER A 44 9.11 3.83 13.01
CA SER A 44 9.34 2.39 12.98
C SER A 44 8.35 1.71 12.04
N GLU A 45 8.44 0.39 11.96
CA GLU A 45 7.51 -0.38 11.12
C GLU A 45 7.56 0.11 9.68
N VAL A 46 8.76 0.11 9.10
CA VAL A 46 8.94 0.56 7.73
C VAL A 46 9.73 -0.45 6.91
N GLN A 47 9.51 -0.45 5.61
CA GLN A 47 10.23 -1.36 4.73
C GLN A 47 10.29 -0.80 3.31
N ILE A 48 11.49 -0.79 2.73
CA ILE A 48 11.67 -0.31 1.36
C ILE A 48 12.51 -1.29 0.56
N GLY A 49 11.97 -1.75 -0.57
CA GLY A 49 12.69 -2.68 -1.42
C GLY A 49 11.83 -3.07 -2.64
N ASN A 50 12.42 -3.01 -3.82
CA ASN A 50 11.71 -3.36 -5.04
C ASN A 50 11.63 -4.87 -5.20
N TYR A 51 10.52 -5.34 -5.76
CA TYR A 51 10.33 -6.78 -5.95
C TYR A 51 10.33 -7.50 -4.61
N ASN A 52 9.92 -6.79 -3.56
CA ASN A 52 9.86 -7.38 -2.23
C ASN A 52 8.53 -8.09 -2.01
N SER A 53 8.43 -9.32 -2.48
CA SER A 53 7.21 -10.11 -2.29
C SER A 53 7.06 -10.51 -0.83
N LEU A 54 6.02 -9.98 -0.18
CA LEU A 54 5.80 -10.23 1.24
C LEU A 54 4.48 -10.96 1.46
N VAL A 55 4.53 -12.08 2.17
CA VAL A 55 3.33 -12.85 2.44
C VAL A 55 2.95 -12.75 3.91
N ALA A 56 1.71 -12.34 4.16
CA ALA A 56 1.23 -12.20 5.53
C ALA A 56 0.97 -13.57 6.15
N PRO A 57 0.90 -13.64 7.45
CA PRO A 57 0.73 -14.92 8.19
C PRO A 57 -0.71 -15.43 8.14
N PRO A 58 -0.94 -16.52 7.46
CA PRO A 58 -2.28 -17.14 7.34
C PRO A 58 -2.71 -17.80 8.65
N ARG A 59 -4.02 -17.79 8.92
CA ARG A 59 -4.55 -18.39 10.13
C ARG A 59 -4.88 -19.87 9.90
N VAL B 39 11.32 9.02 -2.01
CA VAL B 39 11.14 7.60 -1.62
C VAL B 39 11.43 7.43 -0.13
N PHE B 40 10.77 8.22 0.69
CA PHE B 40 10.98 8.18 2.13
C PHE B 40 9.67 8.39 2.87
N ASN B 41 9.64 7.99 4.14
CA ASN B 41 8.44 8.16 4.95
C ASN B 41 8.78 8.78 6.30
N ASN B 42 7.80 9.44 6.91
CA ASN B 42 8.02 10.10 8.19
C ASN B 42 7.46 9.27 9.34
N CYS B 43 6.20 8.85 9.20
CA CYS B 43 5.54 8.08 10.25
C CYS B 43 5.81 6.59 10.07
N SER B 44 5.12 5.78 10.86
CA SER B 44 5.35 4.33 10.84
C SER B 44 4.35 3.66 9.90
N GLU B 45 4.45 2.33 9.81
CA GLU B 45 3.52 1.56 8.98
C GLU B 45 3.57 2.05 7.53
N VAL B 46 4.76 2.06 6.95
CA VAL B 46 4.94 2.51 5.58
C VAL B 46 5.73 1.49 4.76
N GLN B 47 5.51 1.50 3.45
CA GLN B 47 6.23 0.58 2.57
C GLN B 47 6.30 1.14 1.15
N ILE B 48 7.49 1.15 0.58
CA ILE B 48 7.67 1.64 -0.79
C ILE B 48 8.52 0.65 -1.59
N GLY B 49 7.98 0.20 -2.71
CA GLY B 49 8.69 -0.73 -3.58
C GLY B 49 7.84 -1.13 -4.78
N ASN B 50 8.43 -1.06 -5.97
CA ASN B 50 7.71 -1.41 -7.18
C ASN B 50 7.64 -2.93 -7.35
N TYR B 51 6.53 -3.40 -7.92
CA TYR B 51 6.34 -4.84 -8.10
C TYR B 51 6.34 -5.56 -6.76
N ASN B 52 5.92 -4.85 -5.72
CA ASN B 52 5.87 -5.44 -4.38
C ASN B 52 4.53 -6.14 -4.16
N SER B 53 4.43 -7.38 -4.64
CA SER B 53 3.22 -8.17 -4.44
C SER B 53 3.06 -8.56 -2.98
N LEU B 54 2.02 -8.03 -2.33
CA LEU B 54 1.81 -8.29 -0.91
C LEU B 54 0.48 -9.01 -0.69
N VAL B 55 0.54 -10.13 0.02
CA VAL B 55 -0.66 -10.91 0.29
C VAL B 55 -1.05 -10.81 1.76
N ALA B 56 -2.28 -10.39 2.02
CA ALA B 56 -2.76 -10.25 3.39
C ALA B 56 -3.03 -11.62 4.00
N PRO B 57 -3.10 -11.69 5.31
CA PRO B 57 -3.26 -12.98 6.04
C PRO B 57 -4.71 -13.48 6.00
N PRO B 58 -4.93 -14.57 5.30
CA PRO B 58 -6.28 -15.19 5.19
C PRO B 58 -6.71 -15.86 6.49
N ARG B 59 -8.01 -15.84 6.77
CA ARG B 59 -8.54 -16.45 7.98
C ARG B 59 -8.88 -17.92 7.74
N VAL C 39 7.33 10.96 -4.16
CA VAL C 39 7.14 9.54 -3.78
C VAL C 39 7.44 9.37 -2.29
N PHE C 40 6.78 10.17 -1.46
CA PHE C 40 6.99 10.12 -0.02
C PHE C 40 5.67 10.34 0.73
N ASN C 41 5.65 9.94 1.99
CA ASN C 41 4.44 10.10 2.81
C ASN C 41 4.78 10.72 4.16
N ASN C 42 3.81 11.38 4.77
CA ASN C 42 4.03 12.05 6.05
C ASN C 42 3.46 11.22 7.19
N CYS C 43 2.21 10.80 7.05
CA CYS C 43 1.54 10.03 8.10
C CYS C 43 1.82 8.54 7.93
N SER C 44 1.13 7.72 8.71
CA SER C 44 1.35 6.28 8.68
C SER C 44 0.36 5.60 7.74
N GLU C 45 0.45 4.28 7.66
CA GLU C 45 -0.48 3.51 6.83
C GLU C 45 -0.43 4.00 5.38
N VAL C 46 0.77 4.00 4.80
CA VAL C 46 0.95 4.45 3.43
C VAL C 46 1.73 3.44 2.62
N GLN C 47 1.52 3.44 1.30
CA GLN C 47 2.23 2.53 0.42
C GLN C 47 2.30 3.09 -0.99
N ILE C 48 3.50 3.10 -1.57
CA ILE C 48 3.68 3.58 -2.94
C ILE C 48 4.52 2.59 -3.74
N GLY C 49 3.98 2.14 -4.87
CA GLY C 49 4.70 1.22 -5.73
C GLY C 49 3.85 0.81 -6.92
N ASN C 50 4.44 0.88 -8.12
CA ASN C 50 3.72 0.53 -9.34
C ASN C 50 3.65 -0.98 -9.50
N TYR C 51 2.54 -1.45 -10.06
CA TYR C 51 2.34 -2.89 -10.25
C TYR C 51 2.34 -3.61 -8.91
N ASN C 52 1.93 -2.90 -7.86
CA ASN C 52 1.87 -3.49 -6.53
C ASN C 52 0.54 -4.20 -6.32
N SER C 53 0.44 -5.43 -6.78
CA SER C 53 -0.78 -6.22 -6.59
C SER C 53 -0.93 -6.62 -5.13
N LEU C 54 -1.97 -6.09 -4.48
CA LEU C 54 -2.18 -6.35 -3.06
C LEU C 54 -3.51 -7.07 -2.84
N VAL C 55 -3.46 -8.19 -2.13
CA VAL C 55 -4.66 -8.97 -1.86
C VAL C 55 -5.04 -8.86 -0.39
N ALA C 56 -6.28 -8.45 -0.14
CA ALA C 56 -6.75 -8.31 1.24
C ALA C 56 -7.02 -9.68 1.85
N PRO C 57 -7.10 -9.75 3.15
CA PRO C 57 -7.26 -11.03 3.89
C PRO C 57 -8.70 -11.54 3.84
N PRO C 58 -8.93 -12.63 3.16
CA PRO C 58 -10.27 -13.25 3.04
C PRO C 58 -10.70 -13.91 4.35
N ARG C 59 -12.01 -13.90 4.62
CA ARG C 59 -12.54 -14.50 5.83
C ARG C 59 -12.87 -15.98 5.60
N VAL D 39 3.33 12.91 -6.31
CA VAL D 39 3.15 11.49 -5.92
C VAL D 39 3.45 11.32 -4.43
N PHE D 40 2.78 12.11 -3.61
CA PHE D 40 3.00 12.06 -2.17
C PHE D 40 1.68 12.28 -1.42
N ASN D 41 1.65 11.89 -0.16
CA ASN D 41 0.45 12.04 0.65
C ASN D 41 0.79 12.66 2.01
N ASN D 42 -0.18 13.32 2.62
CA ASN D 42 0.04 13.99 3.90
C ASN D 42 -0.54 13.16 5.04
N CYS D 43 -1.79 12.75 4.90
CA CYS D 43 -2.45 11.97 5.95
C CYS D 43 -2.17 10.48 5.78
N SER D 44 -2.86 9.66 6.57
CA SER D 44 -2.64 8.22 6.54
C SER D 44 -3.63 7.54 5.60
N GLU D 45 -3.55 6.22 5.51
CA GLU D 45 -4.47 5.45 4.67
C GLU D 45 -4.42 5.94 3.23
N VAL D 46 -3.22 5.94 2.66
CA VAL D 46 -3.05 6.40 1.28
C VAL D 46 -2.25 5.39 0.47
N GLN D 47 -2.47 5.38 -0.85
CA GLN D 47 -1.76 4.47 -1.72
C GLN D 47 -1.69 5.04 -3.14
N ILE D 48 -0.50 5.04 -3.71
CA ILE D 48 -0.31 5.53 -5.08
C ILE D 48 0.52 4.54 -5.89
N GLY D 49 -0.01 4.09 -7.01
CA GLY D 49 0.71 3.16 -7.88
C GLY D 49 -0.14 2.76 -9.08
N ASN D 50 0.45 2.82 -10.26
CA ASN D 50 -0.27 2.48 -11.48
C ASN D 50 -0.35 0.97 -11.65
N TYR D 51 -1.45 0.49 -12.21
CA TYR D 51 -1.66 -0.94 -12.40
C TYR D 51 -1.65 -1.67 -11.06
N ASN D 52 -2.06 -0.96 -10.01
CA ASN D 52 -2.12 -1.55 -8.68
C ASN D 52 -3.46 -2.25 -8.46
N SER D 53 -3.55 -3.49 -8.94
CA SER D 53 -4.78 -4.28 -8.74
C SER D 53 -4.92 -4.67 -7.27
N LEU D 54 -5.97 -4.14 -6.63
CA LEU D 54 -6.18 -4.40 -5.21
C LEU D 54 -7.50 -5.12 -4.99
N VAL D 55 -7.45 -6.24 -4.27
CA VAL D 55 -8.66 -7.02 -4.01
C VAL D 55 -9.03 -6.91 -2.53
N ALA D 56 -10.27 -6.50 -2.28
CA ALA D 56 -10.75 -6.36 -0.91
C ALA D 56 -11.01 -7.74 -0.30
N PRO D 57 -11.09 -7.80 1.00
CA PRO D 57 -11.25 -9.09 1.74
C PRO D 57 -12.70 -9.59 1.70
N PRO D 58 -12.92 -10.69 1.01
CA PRO D 58 -14.26 -11.30 0.90
C PRO D 58 -14.69 -11.97 2.20
N ARG D 59 -16.00 -11.96 2.47
CA ARG D 59 -16.53 -12.56 3.68
C ARG D 59 -16.86 -14.04 3.44
N VAL E 39 -0.66 14.85 -8.46
CA VAL E 39 -0.84 13.43 -8.07
C VAL E 39 -0.55 13.26 -6.59
N PHE E 40 -1.21 14.06 -5.76
CA PHE E 40 -1.00 14.01 -4.32
C PHE E 40 -2.32 14.23 -3.58
N ASN E 41 -2.35 13.83 -2.30
CA ASN E 41 -3.55 13.99 -1.49
C ASN E 41 -3.21 14.61 -0.14
N ASN E 42 -4.18 15.27 0.47
CA ASN E 42 -3.96 15.94 1.75
C ASN E 42 -4.53 15.11 2.89
N CYS E 43 -5.78 14.69 2.75
CA CYS E 43 -6.45 13.92 3.80
C CYS E 43 -6.17 12.43 3.62
N SER E 44 -6.86 11.61 4.41
CA SER E 44 -6.63 10.16 4.38
C SER E 44 -7.63 9.49 3.44
N GLU E 45 -7.54 8.16 3.36
CA GLU E 45 -8.46 7.40 2.53
C GLU E 45 -8.40 7.89 1.08
N VAL E 46 -7.22 7.89 0.50
CA VAL E 46 -7.05 8.35 -0.87
C VAL E 46 -6.26 7.33 -1.68
N GLN E 47 -6.47 7.33 -3.00
CA GLN E 47 -5.76 6.42 -3.88
C GLN E 47 -5.69 6.98 -5.29
N ILE E 48 -4.50 6.99 -5.87
CA ILE E 48 -4.30 7.47 -7.23
C ILE E 48 -3.47 6.48 -8.04
N GLY E 49 -4.00 6.03 -9.17
CA GLY E 49 -3.29 5.10 -10.02
C GLY E 49 -4.14 4.71 -11.23
N ASN E 50 -3.55 4.77 -12.42
CA ASN E 50 -4.27 4.42 -13.64
C ASN E 50 -4.34 2.91 -13.80
N TYR E 51 -5.45 2.44 -14.36
CA TYR E 51 -5.65 1.00 -14.55
C TYR E 51 -5.64 0.28 -13.20
N ASN E 52 -6.05 0.98 -12.16
CA ASN E 52 -6.11 0.39 -10.83
C ASN E 52 -7.46 -0.30 -10.61
N SER E 53 -7.55 -1.54 -11.08
CA SER E 53 -8.77 -2.33 -10.89
C SER E 53 -8.92 -2.72 -9.42
N LEU E 54 -9.96 -2.20 -8.78
CA LEU E 54 -10.17 -2.46 -7.36
C LEU E 54 -11.50 -3.18 -7.14
N VAL E 55 -11.45 -4.30 -6.43
CA VAL E 55 -12.65 -5.08 -6.16
C VAL E 55 -13.03 -4.97 -4.69
N ALA E 56 -14.26 -4.56 -4.43
CA ALA E 56 -14.74 -4.42 -3.06
C ALA E 56 -15.01 -5.79 -2.45
N PRO E 57 -15.08 -5.86 -1.14
CA PRO E 57 -15.25 -7.15 -0.40
C PRO E 57 -16.69 -7.65 -0.46
N PRO E 58 -16.92 -8.74 -1.14
CA PRO E 58 -18.26 -9.36 -1.25
C PRO E 58 -18.69 -10.02 0.05
N ARG E 59 -20.00 -10.01 0.32
CA ARG E 59 -20.52 -10.62 1.53
C ARG E 59 -20.86 -12.09 1.30
N VAL A 39 14.37 5.27 -0.05
CA VAL A 39 15.63 4.88 0.65
C VAL A 39 15.85 5.79 1.85
N PHE A 40 14.76 6.32 2.40
CA PHE A 40 14.83 7.21 3.54
C PHE A 40 13.71 6.92 4.53
N ASN A 41 14.08 6.51 5.74
CA ASN A 41 13.08 6.21 6.77
C ASN A 41 13.38 7.02 8.04
N ASN A 42 12.36 7.66 8.57
CA ASN A 42 12.52 8.47 9.77
C ASN A 42 11.93 7.76 10.99
N CYS A 43 10.65 7.40 10.90
CA CYS A 43 9.97 6.74 12.01
C CYS A 43 10.15 5.23 11.91
N SER A 44 9.47 4.50 12.79
CA SER A 44 9.60 3.05 12.83
C SER A 44 8.55 2.39 11.95
N GLU A 45 8.62 1.07 11.85
CA GLU A 45 7.65 0.31 11.07
C GLU A 45 7.65 0.78 9.62
N VAL A 46 8.84 0.88 9.04
CA VAL A 46 8.96 1.30 7.64
C VAL A 46 9.85 0.34 6.86
N GLN A 47 9.46 0.06 5.63
CA GLN A 47 10.21 -0.88 4.80
C GLN A 47 10.33 -0.36 3.36
N ILE A 48 11.55 -0.31 2.85
CA ILE A 48 11.78 0.12 1.48
C ILE A 48 12.61 -0.91 0.73
N GLY A 49 12.14 -1.31 -0.45
CA GLY A 49 12.87 -2.27 -1.27
C GLY A 49 12.03 -2.73 -2.45
N ASN A 50 12.62 -2.74 -3.64
CA ASN A 50 11.91 -3.15 -4.84
C ASN A 50 11.81 -4.67 -4.91
N TYR A 51 10.70 -5.16 -5.44
CA TYR A 51 10.48 -6.60 -5.55
C TYR A 51 10.46 -7.25 -4.16
N ASN A 52 10.06 -6.47 -3.16
CA ASN A 52 9.98 -6.98 -1.80
C ASN A 52 8.61 -7.59 -1.54
N SER A 53 8.44 -8.85 -1.93
CA SER A 53 7.17 -9.54 -1.72
C SER A 53 6.94 -9.81 -0.23
N LEU A 54 5.68 -9.92 0.17
CA LEU A 54 5.34 -10.16 1.56
C LEU A 54 4.11 -11.05 1.66
N VAL A 55 4.24 -12.16 2.38
CA VAL A 55 3.12 -13.08 2.55
C VAL A 55 2.67 -13.11 4.01
N ALA A 56 1.39 -12.84 4.24
CA ALA A 56 0.86 -12.84 5.59
C ALA A 56 0.65 -14.28 6.08
N PRO A 57 0.53 -14.46 7.37
CA PRO A 57 0.41 -15.81 7.99
C PRO A 57 -1.00 -16.39 7.82
N PRO A 58 -1.12 -17.42 7.04
CA PRO A 58 -2.43 -18.10 6.79
C PRO A 58 -2.90 -18.87 8.02
N ARG A 59 -4.21 -18.91 8.21
CA ARG A 59 -4.79 -19.63 9.35
C ARG A 59 -4.25 -19.07 10.67
N VAL B 39 10.34 7.19 -2.17
CA VAL B 39 11.60 6.81 -1.47
C VAL B 39 11.82 7.73 -0.27
N PHE B 40 10.72 8.25 0.28
CA PHE B 40 10.80 9.15 1.42
C PHE B 40 9.68 8.86 2.41
N ASN B 41 10.04 8.44 3.61
CA ASN B 41 9.05 8.15 4.64
C ASN B 41 9.35 8.94 5.92
N ASN B 42 8.32 9.60 6.45
CA ASN B 42 8.49 10.41 7.66
C ASN B 42 7.89 9.70 8.87
N CYS B 43 6.61 9.34 8.78
CA CYS B 43 5.94 8.67 9.88
C CYS B 43 6.11 7.16 9.79
N SER B 44 5.44 6.44 10.68
CA SER B 44 5.57 4.99 10.72
C SER B 44 4.51 4.31 9.83
N GLU B 45 4.59 2.99 9.73
CA GLU B 45 3.61 2.25 8.95
C GLU B 45 3.62 2.72 7.49
N VAL B 46 4.81 2.81 6.91
CA VAL B 46 4.93 3.23 5.52
C VAL B 46 5.81 2.27 4.74
N GLN B 47 5.43 1.99 3.50
CA GLN B 47 6.18 1.05 2.67
C GLN B 47 6.29 1.58 1.24
N ILE B 48 7.51 1.62 0.74
CA ILE B 48 7.74 2.05 -0.65
C ILE B 48 8.58 1.02 -1.40
N GLY B 49 8.11 0.63 -2.57
CA GLY B 49 8.83 -0.33 -3.40
C GLY B 49 7.99 -0.80 -4.57
N ASN B 50 8.59 -0.81 -5.76
CA ASN B 50 7.87 -1.22 -6.96
C ASN B 50 7.78 -2.73 -7.03
N TYR B 51 6.66 -3.23 -7.56
CA TYR B 51 6.45 -4.67 -7.68
C TYR B 51 6.43 -5.31 -6.29
N ASN B 52 6.03 -4.53 -5.28
CA ASN B 52 5.94 -5.05 -3.92
C ASN B 52 4.57 -5.65 -3.66
N SER B 53 4.41 -6.91 -4.05
CA SER B 53 3.13 -7.60 -3.84
C SER B 53 2.91 -7.88 -2.36
N LEU B 54 1.65 -7.99 -1.96
CA LEU B 54 1.31 -8.23 -0.57
C LEU B 54 0.07 -9.11 -0.46
N VAL B 55 0.20 -10.23 0.26
CA VAL B 55 -0.92 -11.14 0.42
C VAL B 55 -1.36 -11.18 1.88
N ALA B 56 -2.64 -10.91 2.11
CA ALA B 56 -3.18 -10.92 3.47
C ALA B 56 -3.38 -12.34 3.96
N PRO B 57 -3.50 -12.52 5.24
CA PRO B 57 -3.62 -13.87 5.86
C PRO B 57 -5.03 -14.45 5.70
N PRO B 58 -5.16 -15.49 4.91
CA PRO B 58 -6.47 -16.16 4.68
C PRO B 58 -6.94 -16.93 5.91
N ARG B 59 -8.25 -16.98 6.10
CA ARG B 59 -8.83 -17.70 7.22
C ARG B 59 -8.29 -17.14 8.54
N VAL C 39 6.30 9.13 -4.29
CA VAL C 39 7.56 8.75 -3.59
C VAL C 39 7.78 9.66 -2.39
N PHE C 40 6.69 10.18 -1.85
CA PHE C 40 6.76 11.08 -0.70
C PHE C 40 5.64 10.78 0.28
N ASN C 41 6.01 10.38 1.49
CA ASN C 41 5.03 10.08 2.53
C ASN C 41 5.31 10.88 3.79
N ASN C 42 4.28 11.53 4.33
CA ASN C 42 4.45 12.34 5.53
C ASN C 42 3.86 11.63 6.74
N CYS C 43 2.58 11.27 6.65
CA CYS C 43 1.90 10.60 7.76
C CYS C 43 2.08 9.09 7.66
N SER C 44 1.40 8.36 8.55
CA SER C 44 1.54 6.91 8.60
C SER C 44 0.48 6.25 7.71
N GLU C 45 0.56 4.92 7.61
CA GLU C 45 -0.42 4.18 6.82
C GLU C 45 -0.42 4.65 5.37
N VAL C 46 0.77 4.74 4.79
CA VAL C 46 0.89 5.17 3.40
C VAL C 46 1.78 4.21 2.61
N GLN C 47 1.40 3.93 1.37
CA GLN C 47 2.14 2.98 0.55
C GLN C 47 2.25 3.51 -0.88
N ILE C 48 3.48 3.55 -1.39
CA ILE C 48 3.71 3.98 -2.77
C ILE C 48 4.54 2.95 -3.52
N GLY C 49 4.08 2.56 -4.70
CA GLY C 49 4.80 1.59 -5.51
C GLY C 49 3.96 1.13 -6.70
N ASN C 50 4.55 1.13 -7.89
CA ASN C 50 3.84 0.71 -9.09
C ASN C 50 3.74 -0.80 -9.16
N TYR C 51 2.63 -1.30 -9.69
CA TYR C 51 2.41 -2.73 -9.79
C TYR C 51 2.39 -3.38 -8.41
N ASN C 52 1.99 -2.60 -7.41
CA ASN C 52 1.91 -3.12 -6.05
C ASN C 52 0.54 -3.72 -5.78
N SER C 53 0.37 -4.98 -6.17
CA SER C 53 -0.90 -5.68 -5.96
C SER C 53 -1.12 -5.94 -4.48
N LEU C 54 -2.38 -6.05 -4.09
CA LEU C 54 -2.72 -6.29 -2.68
C LEU C 54 -3.97 -7.18 -2.58
N VAL C 55 -3.83 -8.30 -1.87
CA VAL C 55 -4.95 -9.22 -1.70
C VAL C 55 -5.40 -9.25 -0.24
N ALA C 56 -6.68 -8.98 -0.01
CA ALA C 56 -7.21 -8.98 1.35
C ALA C 56 -7.41 -10.41 1.83
N PRO C 57 -7.54 -10.59 3.13
CA PRO C 57 -7.66 -11.95 3.74
C PRO C 57 -9.07 -12.52 3.58
N PRO C 58 -9.19 -13.56 2.79
CA PRO C 58 -10.49 -14.23 2.55
C PRO C 58 -10.97 -15.00 3.78
N ARG C 59 -12.29 -15.05 3.97
CA ARG C 59 -12.86 -15.76 5.11
C ARG C 59 -12.32 -15.21 6.42
N VAL D 39 2.28 11.06 -6.41
CA VAL D 39 3.53 10.68 -5.71
C VAL D 39 3.75 11.59 -4.51
N PHE D 40 2.66 12.12 -3.98
CA PHE D 40 2.73 13.01 -2.82
C PHE D 40 1.61 12.72 -1.84
N ASN D 41 1.97 12.31 -0.63
CA ASN D 41 1.00 12.02 0.40
C ASN D 41 1.29 12.81 1.68
N ASN D 42 0.25 13.46 2.21
CA ASN D 42 0.42 14.27 3.41
C ASN D 42 -0.18 13.56 4.62
N CYS D 43 -1.45 13.21 4.52
CA CYS D 43 -2.13 12.53 5.63
C CYS D 43 -1.95 11.03 5.55
N SER D 44 -2.63 10.30 6.43
CA SER D 44 -2.50 8.85 6.47
C SER D 44 -3.55 8.19 5.59
N GLU D 45 -3.47 6.86 5.49
CA GLU D 45 -4.46 6.11 4.70
C GLU D 45 -4.45 6.59 3.25
N VAL D 46 -3.26 6.67 2.66
CA VAL D 46 -3.14 7.10 1.27
C VAL D 46 -2.25 6.13 0.49
N GLN D 47 -2.64 5.85 -0.75
CA GLN D 47 -1.89 4.92 -1.57
C GLN D 47 -1.78 5.44 -3.00
N ILE D 48 -0.55 5.48 -3.52
CA ILE D 48 -0.33 5.92 -4.89
C ILE D 48 0.51 4.89 -5.64
N GLY D 49 0.05 4.50 -6.82
CA GLY D 49 0.76 3.53 -7.64
C GLY D 49 -0.08 3.07 -8.82
N ASN D 50 0.52 3.06 -10.00
CA ASN D 50 -0.19 2.65 -11.21
C ASN D 50 -0.29 1.13 -11.28
N TYR D 51 -1.41 0.64 -11.81
CA TYR D 51 -1.62 -0.80 -11.92
C TYR D 51 -1.64 -1.44 -10.53
N ASN D 52 -2.04 -0.67 -9.53
CA ASN D 52 -2.12 -1.18 -8.17
C ASN D 52 -3.50 -1.79 -7.91
N SER D 53 -3.66 -3.05 -8.30
CA SER D 53 -4.94 -3.74 -8.09
C SER D 53 -5.16 -4.01 -6.60
N LEU D 54 -6.42 -4.12 -6.20
CA LEU D 54 -6.76 -4.37 -4.81
C LEU D 54 -8.00 -5.25 -4.71
N VAL D 55 -7.86 -6.36 -3.99
CA VAL D 55 -8.99 -7.28 -3.82
C VAL D 55 -9.43 -7.31 -2.36
N ALA D 56 -10.71 -7.04 -2.13
CA ALA D 56 -11.24 -7.04 -0.77
C ALA D 56 -11.45 -8.48 -0.29
N PRO D 57 -11.57 -8.66 1.00
CA PRO D 57 -11.69 -10.01 1.62
C PRO D 57 -13.10 -10.59 1.45
N PRO D 58 -13.23 -11.62 0.66
CA PRO D 58 -14.53 -12.30 0.43
C PRO D 58 -15.01 -13.07 1.66
N ARG D 59 -16.32 -13.11 1.85
CA ARG D 59 -16.90 -13.83 2.98
C ARG D 59 -16.36 -13.28 4.29
N VAL E 39 -1.76 12.99 -8.53
CA VAL E 39 -0.50 12.61 -7.84
C VAL E 39 -0.29 13.53 -6.64
N PHE E 40 -1.38 14.06 -6.10
CA PHE E 40 -1.30 14.95 -4.95
C PHE E 40 -2.43 14.66 -3.96
N ASN E 41 -2.06 14.25 -2.75
CA ASN E 41 -3.04 13.94 -1.72
C ASN E 41 -2.76 14.74 -0.45
N ASN E 42 -3.78 15.40 0.08
CA ASN E 42 -3.61 16.21 1.28
C ASN E 42 -4.21 15.49 2.49
N CYS E 43 -5.49 15.13 2.40
CA CYS E 43 -6.16 14.47 3.52
C CYS E 43 -5.99 12.96 3.42
N SER E 44 -6.67 12.23 4.30
CA SER E 44 -6.53 10.79 4.35
C SER E 44 -7.58 10.12 3.47
N GLU E 45 -7.51 8.79 3.37
CA GLU E 45 -8.49 8.05 2.58
C GLU E 45 -8.49 8.52 1.13
N VAL E 46 -7.29 8.61 0.54
CA VAL E 46 -7.18 9.03 -0.85
C VAL E 46 -6.28 8.07 -1.62
N GLN E 47 -6.67 7.79 -2.87
CA GLN E 47 -5.92 6.86 -3.70
C GLN E 47 -5.82 7.37 -5.13
N ILE E 48 -4.59 7.41 -5.64
CA ILE E 48 -4.36 7.85 -7.02
C ILE E 48 -3.52 6.82 -7.77
N GLY E 49 -3.99 6.42 -8.94
CA GLY E 49 -3.26 5.46 -9.76
C GLY E 49 -4.11 5.00 -10.94
N ASN E 50 -3.52 5.00 -12.13
CA ASN E 50 -4.23 4.58 -13.33
C ASN E 50 -4.33 3.06 -13.41
N TYR E 51 -5.44 2.57 -13.93
CA TYR E 51 -5.65 1.13 -14.04
C TYR E 51 -5.67 0.49 -12.66
N ASN E 52 -6.08 1.26 -11.66
CA ASN E 52 -6.16 0.75 -10.29
C ASN E 52 -7.53 0.14 -10.03
N SER E 53 -7.70 -1.12 -10.42
CA SER E 53 -8.96 -1.81 -10.21
C SER E 53 -9.19 -2.08 -8.72
N LEU E 54 -10.45 -2.19 -8.33
CA LEU E 54 -10.79 -2.43 -6.93
C LEU E 54 -12.03 -3.31 -6.83
N VAL E 55 -11.90 -4.42 -6.11
CA VAL E 55 -13.02 -5.34 -5.95
C VAL E 55 -13.47 -5.38 -4.48
N ALA E 56 -14.74 -5.11 -4.25
CA ALA E 56 -15.28 -5.12 -2.90
C ALA E 56 -15.48 -6.55 -2.42
N PRO E 57 -15.60 -6.72 -1.13
CA PRO E 57 -15.72 -8.07 -0.50
C PRO E 57 -17.13 -8.65 -0.68
N PRO E 58 -17.25 -9.69 -1.45
CA PRO E 58 -18.56 -10.37 -1.69
C PRO E 58 -19.04 -11.14 -0.47
N ARG E 59 -20.35 -11.18 -0.28
CA ARG E 59 -20.93 -11.90 0.86
C ARG E 59 -20.39 -11.34 2.18
#